data_4F7C
#
_entry.id   4F7C
#
_cell.length_a   168.553
_cell.length_b   168.553
_cell.length_c   41.525
_cell.angle_alpha   90.000
_cell.angle_beta   90.000
_cell.angle_gamma   90.000
#
_symmetry.space_group_name_H-M   'P 42'
#
loop_
_entity.id
_entity.type
_entity.pdbx_description
1 polymer 'CD1D antigen, d polypeptide'
2 polymer Beta-2-microglobulin
3 branched 2-acetamido-2-deoxy-beta-D-glucopyranose-(1-4)-2-acetamido-2-deoxy-beta-D-glucopyranose
4 branched beta-D-mannopyranose-(1-4)-2-acetamido-2-deoxy-beta-D-glucopyranose-(1-4)-2-acetamido-2-deoxy-beta-D-glucopyranose
5 branched beta-D-mannopyranose-(1-3)-beta-D-mannopyranose-(1-4)-2-acetamido-2-deoxy-beta-D-glucopyranose-(1-4)-2-acetamido-2-deoxy-beta-D-glucopyranose
6 non-polymer N-{(2S,3R,4E)-1-[(3,6-di-O-sulfo-beta-D-galactopyranosyl)oxy]-3-hydroxyoctadec-4-en-2-yl}dodecanamide
7 water water
#
loop_
_entity_poly.entity_id
_entity_poly.type
_entity_poly.pdbx_seq_one_letter_code
_entity_poly.pdbx_strand_id
1 'polypeptide(L)'
;SPAPQTPFSFQGLQISSFANRSWTRTDGLAWLGELQPYTWRNESDTIRFLKPWSRGTFSDQQWEQLQHTLLVYRSSFTRD
IWEFVEKLHVEYPLEIQIATGCELLPRNISESFLRAAFQGRDVLSFQGMSWVSAPDAPPFIQEVIKVLNQNQGTKETVHW
LLHDIWPELVRGVLQTGKSELEKQVKPEAWLSSGPSPGPGRLLLVCHVSGFYPKPVRVMWMRGEQEEPGTRQGDVMPNAD
STWYLRVTLDVAAGEVAGLSCQVKHSSLGDQDIILYWHHHHHH
;
A,C
2 'polypeptide(L)'
;IQRPPKIQVYSRHPPEDGKPNYLNCYVYGFHPPQIEIDLLKNGEKIKSEQSDLSFSKDWSFYLLSHAEFTPNSKDQYSCR
VKHVTLEQPRIVKWDRDL
;
B,D
#
# COMPACT_ATOMS: atom_id res chain seq x y z
N PRO A 7 4.84 9.34 -14.67
CA PRO A 7 5.38 9.13 -13.32
C PRO A 7 6.72 9.84 -13.08
N PHE A 8 7.57 9.85 -14.11
CA PHE A 8 8.94 10.37 -14.07
C PHE A 8 9.01 11.89 -14.24
N SER A 9 9.20 12.61 -13.13
CA SER A 9 9.39 14.07 -13.14
C SER A 9 10.79 14.52 -13.52
N PHE A 10 10.86 15.71 -14.11
CA PHE A 10 12.13 16.35 -14.40
C PHE A 10 12.38 17.45 -13.39
N GLN A 11 13.64 17.62 -13.00
CA GLN A 11 14.00 18.51 -11.92
C GLN A 11 15.43 18.99 -12.12
N GLY A 12 15.60 20.31 -12.17
CA GLY A 12 16.92 20.94 -12.34
C GLY A 12 17.33 21.57 -11.03
N LEU A 13 18.54 21.31 -10.60
CA LEU A 13 18.95 21.78 -9.28
C LEU A 13 20.21 22.65 -9.33
N GLN A 14 20.23 23.72 -8.56
CA GLN A 14 21.41 24.58 -8.49
C GLN A 14 21.87 24.71 -7.06
N ILE A 15 23.16 24.58 -6.83
CA ILE A 15 23.70 24.86 -5.52
C ILE A 15 24.78 25.94 -5.64
N SER A 16 24.46 27.10 -5.09
CA SER A 16 25.38 28.22 -5.05
C SER A 16 25.83 28.48 -3.64
N SER A 17 27.14 28.71 -3.49
CA SER A 17 27.69 29.09 -2.19
C SER A 17 28.57 30.31 -2.34
N PHE A 18 28.45 31.21 -1.37
CA PHE A 18 29.31 32.37 -1.27
C PHE A 18 29.85 32.40 0.14
N ALA A 19 31.15 32.13 0.28
CA ALA A 19 31.82 32.05 1.58
C ALA A 19 32.02 33.44 2.11
N ASN A 20 32.55 34.30 1.23
CA ASN A 20 32.91 35.69 1.49
C ASN A 20 32.86 36.34 0.11
N ARG A 21 33.30 37.59 -0.01
CA ARG A 21 33.25 38.29 -1.30
C ARG A 21 34.26 37.74 -2.31
N SER A 22 35.14 36.86 -1.86
CA SER A 22 36.20 36.39 -2.73
C SER A 22 36.01 34.98 -3.23
N TRP A 23 35.26 34.18 -2.49
CA TRP A 23 35.10 32.79 -2.83
C TRP A 23 33.66 32.42 -3.05
N THR A 24 33.39 31.78 -4.20
CA THR A 24 32.04 31.33 -4.57
C THR A 24 32.10 30.12 -5.49
N ARG A 25 31.11 29.25 -5.41
CA ARG A 25 30.98 28.20 -6.44
C ARG A 25 29.51 27.90 -6.68
N THR A 26 29.24 27.54 -7.95
CA THR A 26 27.91 27.14 -8.41
C THR A 26 27.98 25.86 -9.23
N ASP A 27 27.30 24.85 -8.74
CA ASP A 27 27.16 23.58 -9.43
C ASP A 27 25.69 23.31 -9.69
N GLY A 28 25.42 22.62 -10.78
CA GLY A 28 24.07 22.19 -11.11
C GLY A 28 24.00 20.72 -11.49
N LEU A 29 22.78 20.17 -11.43
CA LEU A 29 22.48 18.83 -11.91
C LEU A 29 21.00 18.72 -12.18
N ALA A 30 20.58 17.60 -12.75
CA ALA A 30 19.18 17.42 -13.09
C ALA A 30 18.81 15.94 -12.94
N TRP A 31 17.56 15.68 -12.55
CA TRP A 31 17.08 14.30 -12.45
C TRP A 31 15.96 14.08 -13.40
N LEU A 32 15.91 12.92 -14.03
CA LEU A 32 14.73 12.51 -14.75
C LEU A 32 14.28 11.22 -14.10
N GLY A 33 13.08 11.25 -13.55
CA GLY A 33 12.73 10.26 -12.54
C GLY A 33 13.86 10.21 -11.53
N GLU A 34 14.54 9.07 -11.46
CA GLU A 34 15.63 8.87 -10.50
C GLU A 34 17.00 8.71 -11.15
N LEU A 35 17.06 8.98 -12.45
CA LEU A 35 18.33 8.97 -13.15
C LEU A 35 18.85 10.40 -13.36
N GLN A 36 20.16 10.58 -13.38
CA GLN A 36 20.76 11.90 -13.47
C GLN A 36 21.35 12.11 -14.87
N PRO A 37 20.64 12.79 -15.78
CA PRO A 37 21.17 12.99 -17.13
C PRO A 37 22.26 14.03 -17.29
N TYR A 38 22.31 15.04 -16.42
CA TYR A 38 23.26 16.14 -16.59
C TYR A 38 23.96 16.56 -15.30
N THR A 39 25.13 17.19 -15.43
CA THR A 39 25.68 18.06 -14.39
C THR A 39 26.32 19.26 -15.01
N TRP A 40 26.41 20.34 -14.23
CA TRP A 40 27.23 21.43 -14.63
C TRP A 40 28.06 21.82 -13.46
N ARG A 41 29.29 21.35 -13.43
CA ARG A 41 30.23 21.74 -12.39
C ARG A 41 30.69 23.17 -12.58
N ASN A 42 31.04 23.80 -11.47
CA ASN A 42 31.63 25.14 -11.48
C ASN A 42 32.79 25.33 -12.47
N GLU A 43 33.70 24.35 -12.52
CA GLU A 43 34.88 24.43 -13.38
C GLU A 43 34.53 24.51 -14.85
N SER A 44 33.47 23.80 -15.23
CA SER A 44 33.14 23.61 -16.61
C SER A 44 32.42 24.82 -17.17
N ASP A 45 32.73 25.14 -18.42
CA ASP A 45 32.05 26.20 -19.15
C ASP A 45 30.85 25.63 -19.86
N THR A 46 30.70 24.31 -19.74
CA THR A 46 29.63 23.60 -20.42
C THR A 46 29.07 22.47 -19.54
N ILE A 47 27.91 21.92 -19.93
CA ILE A 47 27.28 20.86 -19.17
C ILE A 47 27.71 19.50 -19.70
N ARG A 48 27.77 18.52 -18.79
CA ARG A 48 28.02 17.12 -19.12
C ARG A 48 26.71 16.38 -19.41
N PHE A 49 26.66 15.70 -20.56
CA PHE A 49 25.61 14.75 -20.84
C PHE A 49 26.03 13.42 -20.26
N LEU A 50 25.44 13.03 -19.14
CA LEU A 50 25.90 11.86 -18.43
C LEU A 50 25.35 10.56 -19.02
N LYS A 51 24.46 10.66 -20.01
CA LYS A 51 23.87 9.47 -20.64
C LYS A 51 23.82 9.62 -22.15
N PRO A 52 23.85 8.49 -22.89
CA PRO A 52 23.77 8.61 -24.35
C PRO A 52 22.40 9.14 -24.85
N TRP A 53 21.38 9.08 -24.01
CA TRP A 53 20.11 9.67 -24.37
C TRP A 53 19.89 11.06 -23.84
N SER A 54 20.92 11.61 -23.19
CA SER A 54 20.78 12.89 -22.50
C SER A 54 20.44 13.97 -23.48
N ARG A 55 20.89 13.84 -24.73
CA ARG A 55 20.62 14.86 -25.75
C ARG A 55 19.15 14.93 -26.19
N GLY A 56 18.35 13.91 -25.90
CA GLY A 56 16.93 13.91 -26.27
C GLY A 56 16.76 14.06 -27.76
N THR A 57 15.77 14.86 -28.17
CA THR A 57 15.52 15.06 -29.59
C THR A 57 15.98 16.47 -29.97
N PHE A 58 16.62 17.15 -29.03
CA PHE A 58 17.11 18.51 -29.24
C PHE A 58 18.26 18.58 -30.24
N SER A 59 18.12 19.44 -31.24
CA SER A 59 19.18 19.68 -32.21
C SER A 59 20.44 20.24 -31.53
N ASP A 60 21.55 20.24 -32.26
CA ASP A 60 22.80 20.82 -31.77
C ASP A 60 22.69 22.33 -31.56
N GLN A 61 22.03 23.03 -32.50
CA GLN A 61 21.85 24.48 -32.39
C GLN A 61 20.97 24.82 -31.20
N GLN A 62 19.98 23.97 -30.95
CA GLN A 62 19.11 24.13 -29.80
C GLN A 62 19.88 24.00 -28.50
N TRP A 63 20.72 22.96 -28.41
CA TRP A 63 21.56 22.79 -27.24
C TRP A 63 22.50 23.94 -27.05
N GLU A 64 23.25 24.31 -28.09
CA GLU A 64 24.18 25.44 -28.01
C GLU A 64 23.49 26.69 -27.44
N GLN A 65 22.28 26.98 -27.92
CA GLN A 65 21.54 28.12 -27.46
C GLN A 65 21.26 28.00 -25.97
N LEU A 66 20.68 26.87 -25.56
CA LEU A 66 20.34 26.61 -24.15
C LEU A 66 21.55 26.71 -23.24
N GLN A 67 22.65 26.08 -23.65
CA GLN A 67 23.96 26.22 -22.99
C GLN A 67 24.30 27.66 -22.70
N HIS A 68 24.39 28.44 -23.76
CA HIS A 68 24.79 29.83 -23.70
C HIS A 68 23.92 30.64 -22.78
N THR A 69 22.61 30.43 -22.91
CA THR A 69 21.67 31.03 -21.99
C THR A 69 22.04 30.68 -20.56
N LEU A 70 22.28 29.40 -20.28
CA LEU A 70 22.57 29.00 -18.92
C LEU A 70 23.88 29.59 -18.48
N LEU A 71 24.83 29.70 -19.40
CA LEU A 71 26.14 30.27 -19.10
C LEU A 71 26.04 31.73 -18.73
N VAL A 72 25.41 32.53 -19.59
CA VAL A 72 25.29 33.94 -19.24
C VAL A 72 24.66 34.05 -17.86
N TYR A 73 23.56 33.32 -17.67
CA TYR A 73 22.84 33.28 -16.40
C TYR A 73 23.76 33.03 -15.21
N ARG A 74 24.64 32.03 -15.32
CA ARG A 74 25.49 31.68 -14.18
C ARG A 74 26.39 32.85 -13.74
N SER A 75 26.99 33.54 -14.72
CA SER A 75 27.86 34.70 -14.43
C SER A 75 27.07 35.86 -13.88
N SER A 76 25.97 36.17 -14.55
CA SER A 76 25.10 37.26 -14.16
C SER A 76 24.54 37.01 -12.77
N PHE A 77 24.06 35.79 -12.53
CA PHE A 77 23.55 35.41 -11.22
C PHE A 77 24.57 35.73 -10.12
N THR A 78 25.77 35.20 -10.25
CA THR A 78 26.83 35.42 -9.28
C THR A 78 27.00 36.91 -9.01
N ARG A 79 27.28 37.67 -10.06
CA ARG A 79 27.45 39.11 -9.96
C ARG A 79 26.27 39.76 -9.22
N ASP A 80 25.05 39.38 -9.55
CA ASP A 80 23.88 39.99 -8.94
C ASP A 80 23.78 39.74 -7.44
N ILE A 81 24.02 38.51 -7.01
CA ILE A 81 24.07 38.19 -5.60
C ILE A 81 25.07 39.12 -4.87
N TRP A 82 26.31 39.15 -5.34
CA TRP A 82 27.32 39.95 -4.70
C TRP A 82 26.83 41.38 -4.53
N GLU A 83 26.15 41.91 -5.53
CA GLU A 83 25.66 43.28 -5.45
C GLU A 83 24.47 43.42 -4.51
N PHE A 84 23.63 42.39 -4.43
CA PHE A 84 22.51 42.41 -3.48
C PHE A 84 22.99 42.33 -2.06
N VAL A 85 24.13 41.65 -1.86
CA VAL A 85 24.74 41.50 -0.55
C VAL A 85 25.30 42.82 -0.05
N GLU A 86 26.06 43.53 -0.89
CA GLU A 86 26.67 44.80 -0.54
C GLU A 86 25.57 45.85 -0.27
N LYS A 87 24.67 46.01 -1.23
CA LYS A 87 23.59 46.99 -1.14
C LYS A 87 22.59 46.68 -0.03
N LEU A 88 22.49 45.42 0.39
CA LEU A 88 21.57 45.09 1.48
C LEU A 88 22.17 44.64 2.80
N HIS A 89 23.50 44.71 2.93
CA HIS A 89 24.23 44.24 4.12
C HIS A 89 23.65 42.96 4.69
N VAL A 90 23.68 41.90 3.89
CA VAL A 90 23.41 40.58 4.40
C VAL A 90 24.76 39.91 4.63
N GLU A 91 24.85 39.08 5.65
CA GLU A 91 26.15 38.57 6.07
C GLU A 91 26.45 37.16 5.55
N TYR A 92 27.73 36.91 5.31
CA TYR A 92 28.17 35.63 4.87
C TYR A 92 28.18 34.66 6.04
N PRO A 93 28.29 33.34 5.77
CA PRO A 93 28.28 32.77 4.42
C PRO A 93 26.84 32.75 3.88
N LEU A 94 26.71 32.54 2.58
CA LEU A 94 25.41 32.39 1.93
C LEU A 94 25.30 31.06 1.26
N GLU A 95 24.11 30.46 1.39
CA GLU A 95 23.76 29.27 0.65
C GLU A 95 22.47 29.55 -0.11
N ILE A 96 22.52 29.46 -1.43
CA ILE A 96 21.34 29.64 -2.25
C ILE A 96 21.08 28.39 -3.08
N GLN A 97 19.82 27.94 -3.10
CA GLN A 97 19.43 26.75 -3.84
C GLN A 97 18.25 27.05 -4.76
N ILE A 98 18.29 26.51 -5.96
CA ILE A 98 17.21 26.77 -6.90
C ILE A 98 16.75 25.44 -7.45
N ALA A 99 15.44 25.27 -7.59
CA ALA A 99 14.88 24.06 -8.19
C ALA A 99 13.82 24.43 -9.24
N THR A 100 14.01 23.98 -10.47
CA THR A 100 12.99 24.14 -11.52
C THR A 100 12.58 22.74 -11.93
N GLY A 101 11.71 22.65 -12.94
CA GLY A 101 11.33 21.36 -13.52
C GLY A 101 9.88 21.37 -13.96
N CYS A 102 9.41 20.26 -14.51
CA CYS A 102 8.02 20.12 -14.88
C CYS A 102 7.56 18.68 -14.94
N GLU A 103 6.30 18.46 -14.59
CA GLU A 103 5.61 17.21 -14.91
C GLU A 103 4.64 17.45 -16.08
N LEU A 104 4.69 16.57 -17.08
CA LEU A 104 3.75 16.60 -18.22
C LEU A 104 2.45 15.87 -17.85
N LEU A 105 1.31 16.56 -17.99
CA LEU A 105 0.03 16.10 -17.43
C LEU A 105 -0.88 15.24 -18.36
N SER A 110 1.07 19.71 -18.81
CA SER A 110 2.43 20.16 -18.51
C SER A 110 2.45 21.29 -17.47
N GLU A 111 3.21 21.08 -16.39
CA GLU A 111 3.23 21.97 -15.21
C GLU A 111 4.64 22.35 -14.67
N SER A 112 5.13 23.54 -15.04
CA SER A 112 6.48 23.99 -14.66
C SER A 112 6.55 24.78 -13.37
N PHE A 113 7.67 24.69 -12.66
CA PHE A 113 7.93 25.50 -11.46
C PHE A 113 9.36 26.00 -11.45
N LEU A 114 9.59 27.05 -10.67
CA LEU A 114 10.94 27.56 -10.40
C LEU A 114 10.95 28.14 -9.00
N ARG A 115 11.54 27.41 -8.06
CA ARG A 115 11.50 27.79 -6.67
C ARG A 115 12.91 28.06 -6.19
N ALA A 116 13.06 28.89 -5.15
CA ALA A 116 14.36 29.20 -4.58
C ALA A 116 14.42 29.22 -3.03
N ALA A 117 15.51 28.68 -2.48
CA ALA A 117 15.72 28.73 -1.05
C ALA A 117 17.00 29.50 -0.73
N PHE A 118 17.01 30.09 0.47
CA PHE A 118 18.12 30.81 1.00
C PHE A 118 18.29 30.34 2.42
N GLN A 119 19.54 30.08 2.77
CA GLN A 119 19.91 29.49 4.06
C GLN A 119 18.99 28.36 4.46
N GLY A 120 18.67 27.54 3.46
CA GLY A 120 17.90 26.35 3.69
C GLY A 120 16.41 26.54 3.78
N ARG A 121 15.90 27.75 3.52
CA ARG A 121 14.45 27.93 3.63
C ARG A 121 13.89 28.56 2.38
N ASP A 122 12.69 28.10 1.99
CA ASP A 122 11.98 28.67 0.84
C ASP A 122 11.95 30.17 0.89
N VAL A 123 12.39 30.78 -0.17
CA VAL A 123 12.47 32.22 -0.19
C VAL A 123 11.68 32.92 -1.30
N LEU A 124 11.77 32.46 -2.54
CA LEU A 124 10.92 33.04 -3.59
C LEU A 124 10.71 32.11 -4.73
N SER A 125 9.83 32.46 -5.63
CA SER A 125 9.52 31.57 -6.72
C SER A 125 9.03 32.42 -7.86
N PHE A 126 8.76 31.77 -8.99
CA PHE A 126 8.31 32.48 -10.17
C PHE A 126 6.94 31.94 -10.48
N GLN A 127 5.90 32.73 -10.19
CA GLN A 127 4.49 32.47 -10.59
C GLN A 127 4.11 33.34 -11.78
N GLY A 128 3.51 32.74 -12.81
CA GLY A 128 2.96 33.47 -13.95
C GLY A 128 4.05 34.20 -14.69
N MET A 129 4.09 35.52 -14.56
CA MET A 129 5.18 36.31 -15.12
C MET A 129 5.93 37.12 -14.06
N SER A 130 5.67 36.84 -12.79
CA SER A 130 6.21 37.63 -11.70
C SER A 130 7.06 36.84 -10.71
N TRP A 131 7.98 37.54 -10.05
CA TRP A 131 8.71 36.96 -8.92
C TRP A 131 7.89 37.17 -7.69
N VAL A 132 7.60 36.10 -6.96
CA VAL A 132 6.79 36.25 -5.77
C VAL A 132 7.53 35.74 -4.56
N SER A 133 7.45 36.49 -3.47
CA SER A 133 8.23 36.14 -2.31
C SER A 133 7.49 35.04 -1.59
N ALA A 134 8.21 34.13 -0.97
CA ALA A 134 7.55 33.11 -0.18
C ALA A 134 6.90 33.80 1.01
N PRO A 135 5.75 33.26 1.50
CA PRO A 135 4.97 33.89 2.62
C PRO A 135 5.83 34.19 3.86
N ASP A 136 6.86 33.36 4.04
CA ASP A 136 7.69 33.30 5.25
C ASP A 136 9.00 34.07 5.17
N ALA A 137 9.27 34.71 4.04
CA ALA A 137 10.58 35.26 3.70
C ALA A 137 11.04 36.47 4.52
N PRO A 138 12.36 36.58 4.79
CA PRO A 138 12.86 37.76 5.48
C PRO A 138 12.60 39.04 4.74
N PRO A 139 12.36 40.13 5.46
CA PRO A 139 12.13 41.49 4.94
C PRO A 139 12.91 41.87 3.68
N PHE A 140 14.24 41.80 3.71
CA PHE A 140 15.06 42.29 2.60
C PHE A 140 14.78 41.63 1.24
N ILE A 141 14.23 40.42 1.23
CA ILE A 141 13.97 39.81 -0.07
C ILE A 141 12.85 40.53 -0.80
N GLN A 142 12.10 41.37 -0.08
CA GLN A 142 11.15 42.26 -0.72
C GLN A 142 11.87 43.26 -1.62
N GLU A 143 13.10 43.65 -1.24
CA GLU A 143 13.93 44.48 -2.11
C GLU A 143 14.38 43.68 -3.31
N VAL A 144 14.77 42.44 -3.09
CA VAL A 144 15.20 41.58 -4.18
C VAL A 144 14.09 41.47 -5.21
N ILE A 145 12.93 41.01 -4.75
CA ILE A 145 11.76 40.76 -5.59
C ILE A 145 11.50 42.00 -6.43
N LYS A 146 11.57 43.17 -5.79
CA LYS A 146 11.29 44.42 -6.47
C LYS A 146 12.25 44.64 -7.66
N VAL A 147 13.54 44.55 -7.40
CA VAL A 147 14.54 44.74 -8.42
C VAL A 147 14.39 43.70 -9.54
N LEU A 148 14.14 42.47 -9.13
CA LEU A 148 13.93 41.38 -10.07
C LEU A 148 12.72 41.58 -10.94
N ASN A 149 11.59 41.99 -10.37
CA ASN A 149 10.38 42.26 -11.18
C ASN A 149 10.44 43.47 -12.10
N GLN A 150 11.58 44.15 -12.08
CA GLN A 150 11.81 45.25 -12.99
C GLN A 150 12.46 44.77 -14.27
N ASN A 151 13.35 43.80 -14.15
CA ASN A 151 14.04 43.29 -15.31
C ASN A 151 13.14 42.41 -16.18
N GLN A 152 12.51 43.05 -17.16
CA GLN A 152 11.54 42.40 -18.04
C GLN A 152 12.12 41.27 -18.89
N GLY A 153 13.32 41.47 -19.41
CA GLY A 153 13.96 40.49 -20.27
C GLY A 153 14.17 39.15 -19.59
N THR A 154 14.60 39.20 -18.34
CA THR A 154 14.80 38.01 -17.51
C THR A 154 13.48 37.28 -17.32
N LYS A 155 12.45 38.00 -16.92
CA LYS A 155 11.14 37.40 -16.72
C LYS A 155 10.70 36.69 -17.99
N GLU A 156 10.96 37.30 -19.15
CA GLU A 156 10.60 36.71 -20.44
C GLU A 156 11.39 35.46 -20.76
N THR A 157 12.66 35.46 -20.35
CA THR A 157 13.54 34.33 -20.56
C THR A 157 13.16 33.21 -19.62
N VAL A 158 12.81 33.54 -18.38
CA VAL A 158 12.34 32.50 -17.48
C VAL A 158 11.02 31.90 -17.95
N HIS A 159 10.10 32.75 -18.39
CA HIS A 159 8.79 32.27 -18.86
C HIS A 159 8.95 31.28 -19.97
N TRP A 160 9.82 31.66 -20.90
CA TRP A 160 10.14 30.89 -22.08
C TRP A 160 10.81 29.59 -21.76
N LEU A 161 11.70 29.58 -20.76
CA LEU A 161 12.32 28.36 -20.30
C LEU A 161 11.32 27.39 -19.73
N LEU A 162 10.44 27.90 -18.88
CA LEU A 162 9.52 27.06 -18.14
C LEU A 162 8.41 26.53 -19.05
N HIS A 163 8.00 27.34 -20.01
CA HIS A 163 6.81 27.00 -20.78
C HIS A 163 7.15 26.50 -22.14
N ASP A 164 8.21 27.00 -22.74
CA ASP A 164 8.63 26.50 -24.05
C ASP A 164 9.69 25.41 -23.99
N ILE A 165 10.71 25.61 -23.16
CA ILE A 165 11.89 24.76 -23.27
C ILE A 165 11.82 23.50 -22.45
N TRP A 166 11.54 23.62 -21.15
CA TRP A 166 11.43 22.44 -20.29
C TRP A 166 10.52 21.42 -20.87
N PRO A 167 9.28 21.82 -21.27
CA PRO A 167 8.37 20.80 -21.73
C PRO A 167 8.86 20.09 -22.99
N GLU A 168 9.34 20.85 -23.98
CA GLU A 168 9.80 20.24 -25.23
C GLU A 168 10.97 19.29 -24.98
N LEU A 169 11.88 19.71 -24.12
CA LEU A 169 13.00 18.90 -23.69
C LEU A 169 12.56 17.60 -22.99
N VAL A 170 11.96 17.72 -21.82
CA VAL A 170 11.43 16.55 -21.11
C VAL A 170 10.74 15.53 -22.03
N ARG A 171 9.91 15.99 -22.95
CA ARG A 171 9.24 15.11 -23.90
C ARG A 171 10.24 14.29 -24.73
N GLY A 172 11.29 14.95 -25.19
CA GLY A 172 12.33 14.28 -25.99
C GLY A 172 13.20 13.28 -25.25
N VAL A 173 13.69 13.64 -24.07
CA VAL A 173 14.57 12.74 -23.33
C VAL A 173 13.78 11.58 -22.72
N LEU A 174 12.49 11.76 -22.45
CA LEU A 174 11.61 10.66 -22.05
C LEU A 174 11.53 9.62 -23.16
N GLN A 175 11.53 10.09 -24.39
CA GLN A 175 11.40 9.24 -25.58
C GLN A 175 12.71 8.45 -25.81
N THR A 176 13.83 9.14 -25.78
CA THR A 176 15.13 8.52 -25.98
C THR A 176 15.62 7.75 -24.73
N GLY A 177 15.13 8.12 -23.55
CA GLY A 177 15.57 7.45 -22.34
C GLY A 177 14.57 6.42 -21.88
N LYS A 178 13.52 6.25 -22.68
CA LYS A 178 12.39 5.39 -22.31
C LYS A 178 12.84 4.03 -21.78
N SER A 179 13.74 3.36 -22.50
CA SER A 179 14.12 1.99 -22.15
C SER A 179 15.00 1.91 -20.91
N GLU A 180 16.02 2.78 -20.84
CA GLU A 180 16.88 2.80 -19.67
C GLU A 180 16.11 3.30 -18.43
N LEU A 181 15.13 4.16 -18.65
CA LEU A 181 14.34 4.68 -17.54
C LEU A 181 13.47 3.58 -16.92
N GLU A 182 12.90 2.72 -17.77
CA GLU A 182 12.02 1.68 -17.27
C GLU A 182 12.65 0.30 -17.29
N LYS A 183 13.98 0.21 -17.19
CA LYS A 183 14.64 -1.07 -16.95
C LYS A 183 14.15 -1.60 -15.59
N GLN A 184 14.26 -2.91 -15.43
CA GLN A 184 13.91 -3.59 -14.19
C GLN A 184 15.18 -4.33 -13.81
N VAL A 185 15.61 -4.18 -12.57
CA VAL A 185 16.86 -4.79 -12.14
C VAL A 185 16.55 -5.55 -10.86
N LYS A 186 16.86 -6.85 -10.86
CA LYS A 186 16.54 -7.72 -9.73
C LYS A 186 17.51 -7.56 -8.57
N PRO A 187 16.98 -7.44 -7.35
CA PRO A 187 17.86 -7.32 -6.21
C PRO A 187 18.44 -8.65 -5.82
N GLU A 188 19.60 -8.60 -5.17
CA GLU A 188 20.06 -9.73 -4.37
C GLU A 188 19.73 -9.37 -2.92
N ALA A 189 19.80 -10.33 -2.01
CA ALA A 189 19.28 -10.14 -0.65
C ALA A 189 19.99 -11.05 0.29
N TRP A 190 20.10 -10.66 1.56
CA TRP A 190 20.71 -11.57 2.53
C TRP A 190 20.29 -11.27 3.93
N LEU A 191 20.60 -12.17 4.87
CA LEU A 191 20.20 -12.00 6.28
C LEU A 191 21.39 -11.93 7.20
N SER A 192 21.20 -11.34 8.37
CA SER A 192 22.28 -11.29 9.35
C SER A 192 21.72 -11.06 10.71
N SER A 193 22.55 -11.34 11.72
CA SER A 193 22.20 -11.13 13.11
C SER A 193 22.86 -9.86 13.64
N GLY A 194 22.07 -8.80 13.85
CA GLY A 194 22.57 -7.52 14.34
C GLY A 194 22.88 -7.54 15.84
N PRO A 195 23.32 -6.37 16.37
CA PRO A 195 23.56 -6.27 17.81
C PRO A 195 22.30 -6.54 18.62
N SER A 196 22.46 -7.16 19.79
CA SER A 196 21.36 -7.44 20.69
C SER A 196 20.69 -6.15 21.13
N PRO A 197 19.36 -6.04 20.98
CA PRO A 197 18.70 -4.81 21.41
C PRO A 197 18.43 -4.74 22.93
N GLY A 198 18.57 -5.86 23.62
CA GLY A 198 18.37 -5.88 25.07
C GLY A 198 18.64 -7.23 25.70
N PRO A 199 17.75 -7.69 26.61
CA PRO A 199 17.89 -8.99 27.27
C PRO A 199 17.03 -10.08 26.61
N GLY A 200 17.66 -11.15 26.13
CA GLY A 200 16.94 -12.24 25.45
C GLY A 200 16.20 -11.82 24.18
N ARG A 201 16.38 -10.55 23.83
CA ARG A 201 15.90 -9.99 22.57
C ARG A 201 17.01 -10.14 21.52
N LEU A 202 16.62 -10.54 20.32
CA LEU A 202 17.52 -10.59 19.15
C LEU A 202 17.08 -9.68 18.01
N LEU A 203 18.05 -9.21 17.22
CA LEU A 203 17.77 -8.32 16.08
C LEU A 203 18.09 -9.00 14.77
N LEU A 204 17.05 -9.32 14.01
CA LEU A 204 17.21 -9.97 12.73
C LEU A 204 17.17 -8.97 11.60
N VAL A 205 18.19 -9.03 10.75
CA VAL A 205 18.31 -8.00 9.71
C VAL A 205 18.19 -8.59 8.31
N CYS A 206 17.38 -7.95 7.48
CA CYS A 206 17.18 -8.43 6.14
C CYS A 206 17.66 -7.36 5.14
N HIS A 207 18.74 -7.63 4.44
CA HIS A 207 19.29 -6.63 3.51
C HIS A 207 18.86 -6.92 2.12
N VAL A 208 18.40 -5.90 1.40
CA VAL A 208 18.08 -6.07 0.00
C VAL A 208 18.78 -4.98 -0.78
N SER A 209 19.54 -5.40 -1.78
CA SER A 209 20.40 -4.48 -2.47
C SER A 209 20.45 -4.77 -3.97
N GLY A 210 20.46 -3.72 -4.79
CA GLY A 210 20.65 -3.89 -6.22
C GLY A 210 19.39 -3.73 -7.04
N PHE A 211 18.31 -3.29 -6.40
CA PHE A 211 17.03 -3.19 -7.08
C PHE A 211 16.82 -1.84 -7.68
N TYR A 212 16.17 -1.85 -8.84
CA TYR A 212 15.74 -0.65 -9.55
C TYR A 212 14.49 -1.04 -10.29
N PRO A 213 13.45 -0.18 -10.29
CA PRO A 213 13.24 1.12 -9.67
C PRO A 213 13.14 1.04 -8.17
N LYS A 214 12.67 2.12 -7.56
CA LYS A 214 12.84 2.34 -6.15
C LYS A 214 11.73 1.73 -5.33
N PRO A 215 10.50 1.66 -5.88
CA PRO A 215 9.39 1.06 -5.08
C PRO A 215 9.61 -0.43 -4.77
N VAL A 216 9.48 -0.79 -3.50
CA VAL A 216 9.84 -2.12 -3.02
C VAL A 216 9.11 -2.44 -1.73
N ARG A 217 8.56 -3.64 -1.57
CA ARG A 217 7.99 -3.99 -0.28
C ARG A 217 8.78 -5.11 0.35
N VAL A 218 9.29 -4.86 1.54
CA VAL A 218 10.12 -5.85 2.22
C VAL A 218 9.58 -6.14 3.61
N MET A 219 9.29 -7.42 3.90
CA MET A 219 8.59 -7.76 5.14
C MET A 219 9.12 -8.99 5.85
N TRP A 220 9.16 -8.92 7.18
CA TRP A 220 9.24 -10.12 8.00
C TRP A 220 7.93 -10.87 8.09
N MET A 221 8.00 -12.18 8.33
CA MET A 221 6.84 -13.06 8.11
C MET A 221 6.90 -14.33 8.93
N ARG A 222 5.72 -14.86 9.25
CA ARG A 222 5.52 -16.29 9.58
C ARG A 222 4.65 -16.88 8.50
N GLY A 223 5.27 -17.67 7.63
CA GLY A 223 4.60 -18.17 6.44
C GLY A 223 3.94 -17.06 5.64
N GLU A 224 2.65 -16.86 5.84
CA GLU A 224 1.88 -15.89 5.08
C GLU A 224 1.45 -14.72 5.98
N GLN A 225 1.63 -14.89 7.29
CA GLN A 225 1.25 -13.83 8.23
C GLN A 225 2.36 -12.78 8.33
N GLU A 226 2.11 -11.59 7.77
CA GLU A 226 3.05 -10.46 7.87
C GLU A 226 3.32 -10.10 9.34
N GLU A 227 4.59 -9.95 9.69
CA GLU A 227 4.97 -9.65 11.06
C GLU A 227 5.07 -8.14 11.29
N PRO A 228 4.24 -7.59 12.19
CA PRO A 228 4.55 -6.22 12.60
C PRO A 228 5.57 -6.21 13.74
N GLY A 229 6.18 -5.05 13.99
CA GLY A 229 7.43 -4.98 14.76
C GLY A 229 8.61 -4.91 13.80
N THR A 230 8.29 -5.15 12.53
CA THR A 230 9.16 -4.95 11.39
C THR A 230 9.44 -3.47 11.26
N ARG A 231 10.70 -3.09 11.45
CA ARG A 231 11.13 -1.69 11.24
C ARG A 231 11.76 -1.47 9.85
N GLN A 232 11.16 -0.60 9.05
CA GLN A 232 11.77 -0.21 7.80
C GLN A 232 12.99 0.67 8.04
N GLY A 233 14.03 0.45 7.25
CA GLY A 233 15.13 1.41 7.15
C GLY A 233 14.84 2.34 5.99
N ASP A 234 15.73 3.32 5.81
CA ASP A 234 15.64 4.21 4.68
C ASP A 234 16.18 3.53 3.41
N VAL A 235 15.47 3.66 2.30
CA VAL A 235 15.95 3.18 1.02
C VAL A 235 17.06 4.12 0.56
N MET A 236 18.29 3.61 0.47
CA MET A 236 19.44 4.48 0.15
C MET A 236 20.15 4.03 -1.13
N PRO A 237 20.91 4.93 -1.78
CA PRO A 237 21.43 4.66 -3.13
C PRO A 237 22.73 3.85 -3.19
N ASN A 238 23.01 3.29 -4.35
CA ASN A 238 24.24 2.61 -4.65
C ASN A 238 24.93 3.40 -5.75
N ALA A 239 26.25 3.26 -5.87
CA ALA A 239 26.95 4.01 -6.92
C ALA A 239 26.35 3.81 -8.34
N ASP A 240 25.79 2.61 -8.61
CA ASP A 240 25.25 2.21 -9.93
C ASP A 240 23.79 2.53 -10.14
N SER A 241 23.27 3.47 -9.37
CA SER A 241 21.85 3.87 -9.40
C SER A 241 20.82 2.74 -9.22
N THR A 242 21.18 1.74 -8.41
CA THR A 242 20.22 0.80 -7.86
C THR A 242 20.10 1.11 -6.35
N TRP A 243 19.20 0.46 -5.64
CA TRP A 243 18.97 0.81 -4.23
C TRP A 243 19.29 -0.26 -3.25
N TYR A 244 19.42 0.17 -1.99
CA TYR A 244 19.66 -0.71 -0.88
C TYR A 244 18.59 -0.43 0.16
N LEU A 245 18.07 -1.49 0.78
CA LEU A 245 17.15 -1.36 1.92
C LEU A 245 17.41 -2.43 2.97
N ARG A 246 17.40 -1.97 4.23
CA ARG A 246 17.70 -2.77 5.41
C ARG A 246 16.41 -2.80 6.26
N VAL A 247 15.88 -3.99 6.52
CA VAL A 247 14.65 -4.14 7.29
C VAL A 247 14.95 -5.03 8.51
N THR A 248 14.52 -4.63 9.70
CA THR A 248 14.87 -5.38 10.91
C THR A 248 13.65 -5.88 11.66
N LEU A 249 13.90 -6.75 12.62
CA LEU A 249 12.88 -7.24 13.52
C LEU A 249 13.47 -7.46 14.89
N ASP A 250 12.73 -7.02 15.92
CA ASP A 250 13.08 -7.24 17.32
C ASP A 250 12.25 -8.42 17.84
N VAL A 251 12.90 -9.46 18.33
CA VAL A 251 12.17 -10.66 18.79
C VAL A 251 12.91 -11.46 19.87
N ALA A 252 12.19 -12.27 20.65
CA ALA A 252 12.79 -13.09 21.73
C ALA A 252 13.44 -14.36 21.22
N ALA A 253 14.51 -14.79 21.89
CA ALA A 253 15.31 -15.97 21.49
C ALA A 253 14.54 -17.31 21.31
N GLY A 254 13.47 -17.50 22.07
CA GLY A 254 12.61 -18.69 21.93
C GLY A 254 11.79 -18.62 20.67
N GLU A 255 11.24 -17.45 20.39
CA GLU A 255 10.34 -17.22 19.28
C GLU A 255 10.99 -17.25 17.90
N VAL A 256 12.33 -17.40 17.85
CA VAL A 256 13.11 -17.36 16.59
C VAL A 256 12.58 -18.33 15.53
N ALA A 257 11.71 -19.23 15.99
CA ALA A 257 11.15 -20.30 15.19
C ALA A 257 10.47 -19.81 13.91
N GLY A 258 10.92 -20.33 12.77
CA GLY A 258 10.23 -20.16 11.48
C GLY A 258 9.93 -18.74 11.00
N LEU A 259 10.90 -17.85 11.17
CA LEU A 259 10.81 -16.51 10.61
C LEU A 259 11.40 -16.48 9.21
N SER A 260 10.74 -15.75 8.31
CA SER A 260 11.24 -15.55 6.95
C SER A 260 11.14 -14.10 6.53
N CYS A 261 12.13 -13.61 5.80
CA CYS A 261 12.04 -12.29 5.19
C CYS A 261 11.53 -12.49 3.76
N GLN A 262 10.66 -11.61 3.30
CA GLN A 262 10.07 -11.78 2.00
C GLN A 262 10.18 -10.50 1.22
N VAL A 263 10.67 -10.60 -0.02
CA VAL A 263 10.91 -9.39 -0.84
C VAL A 263 10.00 -9.28 -2.06
N LYS A 264 9.19 -8.22 -2.13
CA LYS A 264 8.36 -7.95 -3.34
C LYS A 264 8.98 -6.84 -4.15
N HIS A 265 9.24 -7.12 -5.43
CA HIS A 265 9.72 -6.08 -6.32
C HIS A 265 9.22 -6.24 -7.71
N SER A 266 8.87 -5.11 -8.31
CA SER A 266 8.43 -5.09 -9.69
C SER A 266 9.24 -5.97 -10.69
N SER A 267 10.54 -6.12 -10.47
CA SER A 267 11.41 -6.84 -11.42
C SER A 267 11.27 -8.35 -11.27
N LEU A 268 10.53 -8.76 -10.25
CA LEU A 268 10.40 -10.15 -9.90
C LEU A 268 9.09 -10.72 -10.37
N GLY A 269 8.17 -9.85 -10.76
CA GLY A 269 6.83 -10.28 -11.15
C GLY A 269 6.09 -10.72 -9.90
N ASP A 270 5.50 -11.92 -9.95
CA ASP A 270 4.81 -12.49 -8.80
C ASP A 270 5.72 -13.39 -7.96
N GLN A 271 6.97 -13.53 -8.37
CA GLN A 271 7.85 -14.49 -7.76
C GLN A 271 8.75 -13.77 -6.78
N ASP A 272 8.30 -13.72 -5.55
CA ASP A 272 9.04 -13.09 -4.46
C ASP A 272 10.27 -13.85 -4.03
N ILE A 273 11.17 -13.16 -3.33
CA ILE A 273 12.36 -13.76 -2.81
C ILE A 273 12.05 -14.01 -1.35
N ILE A 274 12.29 -15.25 -0.90
CA ILE A 274 12.08 -15.62 0.50
C ILE A 274 13.42 -16.01 1.06
N LEU A 275 13.79 -15.47 2.22
CA LEU A 275 14.98 -15.95 2.92
C LEU A 275 14.55 -16.40 4.30
N TYR A 276 15.02 -17.58 4.74
CA TYR A 276 14.65 -18.17 6.02
C TYR A 276 15.74 -18.05 7.05
N TRP A 277 15.34 -17.89 8.31
CA TRP A 277 16.29 -18.06 9.39
C TRP A 277 16.33 -19.50 9.76
N HIS A 278 17.53 -20.04 10.02
CA HIS A 278 17.65 -21.42 10.46
C HIS A 278 17.78 -21.63 11.97
N HIS A 279 18.95 -21.40 12.57
CA HIS A 279 19.11 -21.74 14.01
C HIS A 279 18.49 -20.71 14.92
N ILE B 1 17.83 25.73 8.52
CA ILE B 1 19.03 26.60 8.38
C ILE B 1 20.30 25.84 8.69
N GLN B 2 20.40 25.33 9.90
CA GLN B 2 21.43 24.34 10.21
C GLN B 2 20.85 23.00 10.63
N ARG B 3 21.08 21.99 9.79
CA ARG B 3 20.64 20.61 10.08
C ARG B 3 21.88 19.74 10.10
N PRO B 4 22.03 18.97 11.20
CA PRO B 4 23.13 18.02 11.31
C PRO B 4 22.94 16.88 10.32
N PRO B 5 24.02 16.17 9.96
CA PRO B 5 23.84 15.13 8.96
C PRO B 5 23.40 13.82 9.58
N LYS B 6 22.63 13.02 8.84
CA LYS B 6 22.41 11.63 9.20
C LYS B 6 23.34 10.72 8.38
N ILE B 7 23.94 9.71 9.03
CA ILE B 7 24.96 8.86 8.41
C ILE B 7 24.58 7.38 8.42
N GLN B 8 24.66 6.73 7.27
CA GLN B 8 24.41 5.30 7.18
C GLN B 8 25.50 4.58 6.38
N VAL B 9 25.89 3.40 6.84
CA VAL B 9 26.97 2.67 6.16
C VAL B 9 26.47 1.27 5.77
N TYR B 10 26.73 0.87 4.53
CA TYR B 10 26.26 -0.42 4.05
C TYR B 10 27.12 -0.90 2.86
N SER B 11 27.18 -2.19 2.63
CA SER B 11 27.82 -2.76 1.44
C SER B 11 26.85 -2.90 0.27
N ARG B 12 27.39 -2.88 -0.94
CA ARG B 12 26.62 -3.08 -2.17
C ARG B 12 26.11 -4.51 -2.32
N HIS B 13 26.96 -5.48 -1.98
CA HIS B 13 26.75 -6.90 -2.20
C HIS B 13 26.86 -7.61 -0.87
N PRO B 14 26.27 -8.80 -0.73
CA PRO B 14 26.44 -9.52 0.53
C PRO B 14 27.93 -9.63 0.88
N PRO B 15 28.33 -9.26 2.11
CA PRO B 15 29.74 -9.31 2.41
C PRO B 15 30.19 -10.76 2.58
N GLU B 16 30.99 -11.27 1.64
CA GLU B 16 31.61 -12.57 1.83
C GLU B 16 33.13 -12.37 1.91
N ASP B 17 33.71 -12.82 3.03
CA ASP B 17 35.16 -12.75 3.23
C ASP B 17 35.87 -13.10 1.94
N GLY B 18 36.69 -12.17 1.44
CA GLY B 18 37.47 -12.46 0.25
C GLY B 18 36.92 -11.94 -1.06
N LYS B 19 35.60 -11.87 -1.21
CA LYS B 19 35.03 -11.33 -2.46
C LYS B 19 35.12 -9.80 -2.49
N PRO B 20 35.66 -9.22 -3.59
CA PRO B 20 35.60 -7.77 -3.85
C PRO B 20 34.19 -7.25 -3.73
N ASN B 21 34.06 -6.08 -3.11
CA ASN B 21 32.80 -5.45 -2.82
C ASN B 21 32.93 -3.90 -2.84
N TYR B 22 31.88 -3.20 -2.42
CA TYR B 22 31.88 -1.75 -2.34
C TYR B 22 31.22 -1.38 -1.04
N LEU B 23 31.80 -0.42 -0.34
CA LEU B 23 31.28 0.05 0.91
C LEU B 23 30.67 1.39 0.62
N ASN B 24 29.40 1.55 0.99
CA ASN B 24 28.70 2.81 0.79
C ASN B 24 28.58 3.55 2.11
N CYS B 25 28.78 4.85 2.03
CA CYS B 25 28.51 5.78 3.10
C CYS B 25 27.57 6.87 2.58
N TYR B 26 26.32 6.82 3.01
CA TYR B 26 25.29 7.78 2.64
C TYR B 26 25.06 8.77 3.78
N VAL B 27 25.33 10.01 3.45
CA VAL B 27 25.22 11.12 4.40
C VAL B 27 24.12 12.01 3.86
N TYR B 28 23.12 12.29 4.68
CA TYR B 28 21.91 12.98 4.17
C TYR B 28 21.21 13.87 5.17
N GLY B 29 20.34 14.73 4.70
CA GLY B 29 19.55 15.57 5.57
C GLY B 29 20.27 16.76 6.15
N PHE B 30 21.45 17.11 5.64
CA PHE B 30 22.23 18.21 6.26
C PHE B 30 22.19 19.55 5.55
N HIS B 31 22.60 20.58 6.29
CA HIS B 31 22.69 21.95 5.80
C HIS B 31 23.52 22.74 6.76
N PRO B 32 24.51 23.51 6.25
CA PRO B 32 24.90 23.82 4.88
C PRO B 32 25.61 22.64 4.19
N PRO B 33 25.93 22.82 2.89
CA PRO B 33 26.42 21.75 2.04
C PRO B 33 27.90 21.41 2.18
N GLN B 34 28.70 22.19 2.89
CA GLN B 34 30.11 21.83 2.98
C GLN B 34 30.32 20.77 4.04
N ILE B 35 30.97 19.68 3.65
CA ILE B 35 31.06 18.50 4.50
C ILE B 35 32.28 17.67 4.08
N GLU B 36 32.92 17.03 5.07
CA GLU B 36 34.01 16.09 4.77
C GLU B 36 33.56 14.70 5.09
N ILE B 37 33.70 13.81 4.11
CA ILE B 37 33.37 12.41 4.35
C ILE B 37 34.52 11.53 3.94
N ASP B 38 35.04 10.76 4.89
CA ASP B 38 36.11 9.82 4.63
C ASP B 38 35.72 8.40 4.99
N LEU B 39 36.08 7.47 4.11
CA LEU B 39 35.90 6.05 4.32
C LEU B 39 37.21 5.53 4.87
N LEU B 40 37.11 4.68 5.89
CA LEU B 40 38.27 4.23 6.65
C LEU B 40 38.45 2.72 6.72
N LYS B 41 39.69 2.25 6.61
CA LYS B 41 40.00 0.85 6.90
C LYS B 41 41.01 0.80 8.05
N ASN B 42 40.62 0.13 9.15
CA ASN B 42 41.40 0.14 10.38
C ASN B 42 41.99 1.51 10.77
N GLY B 43 41.23 2.59 10.66
CA GLY B 43 41.76 3.91 11.02
C GLY B 43 42.28 4.77 9.88
N GLU B 44 42.83 4.14 8.86
CA GLU B 44 43.34 4.87 7.72
C GLU B 44 42.32 5.12 6.63
N LYS B 45 42.41 6.30 6.01
CA LYS B 45 41.64 6.65 4.83
C LYS B 45 41.82 5.66 3.67
N ILE B 46 40.79 5.47 2.85
CA ILE B 46 40.92 4.67 1.63
C ILE B 46 40.33 5.37 0.43
N LYS B 47 40.80 5.03 -0.76
CA LYS B 47 40.33 5.68 -1.95
C LYS B 47 38.83 5.49 -2.09
N SER B 48 38.12 6.59 -1.89
CA SER B 48 36.69 6.62 -2.07
C SER B 48 36.34 7.47 -3.28
N GLU B 49 35.13 7.27 -3.79
CA GLU B 49 34.58 8.14 -4.80
C GLU B 49 33.34 8.78 -4.22
N GLN B 50 32.90 9.88 -4.82
CA GLN B 50 31.81 10.67 -4.24
C GLN B 50 30.92 11.23 -5.33
N SER B 51 29.62 11.03 -5.17
CA SER B 51 28.64 11.51 -6.14
C SER B 51 28.47 13.02 -6.01
N ASP B 52 27.89 13.64 -7.03
CA ASP B 52 27.56 15.06 -6.95
C ASP B 52 26.62 15.28 -5.79
N LEU B 53 26.72 16.43 -5.17
CA LEU B 53 25.84 16.82 -4.11
C LEU B 53 24.45 17.06 -4.70
N SER B 54 23.43 16.61 -4.01
CA SER B 54 22.06 16.81 -4.47
C SER B 54 21.17 17.16 -3.27
N PHE B 55 19.91 17.53 -3.49
CA PHE B 55 19.07 17.89 -2.33
C PHE B 55 17.58 17.52 -2.40
N SER B 56 16.97 17.38 -1.23
CA SER B 56 15.60 16.92 -1.12
C SER B 56 14.56 18.04 -1.13
N LYS B 57 13.28 17.67 -0.94
CA LYS B 57 12.17 18.63 -1.02
C LYS B 57 12.29 19.71 0.01
N ASP B 58 12.67 19.32 1.22
CA ASP B 58 12.80 20.25 2.32
C ASP B 58 14.15 21.00 2.24
N TRP B 59 14.83 20.89 1.10
CA TRP B 59 16.10 21.58 0.83
C TRP B 59 17.34 21.06 1.54
N SER B 60 17.24 19.97 2.27
CA SER B 60 18.44 19.40 2.88
C SER B 60 19.29 18.67 1.84
N PHE B 61 20.53 18.37 2.19
CA PHE B 61 21.46 17.84 1.22
C PHE B 61 21.67 16.39 1.46
N TYR B 62 22.06 15.69 0.40
CA TYR B 62 22.42 14.29 0.53
C TYR B 62 23.50 13.96 -0.47
N LEU B 63 24.25 12.90 -0.18
CA LEU B 63 25.52 12.66 -0.87
C LEU B 63 25.94 11.23 -0.63
N LEU B 64 26.53 10.60 -1.63
CA LEU B 64 26.97 9.23 -1.49
C LEU B 64 28.48 9.11 -1.71
N SER B 65 29.19 8.54 -0.73
CA SER B 65 30.55 8.07 -0.97
C SER B 65 30.57 6.55 -0.99
N HIS B 66 31.43 5.99 -1.84
CA HIS B 66 31.66 4.57 -1.85
C HIS B 66 33.09 4.28 -2.11
N ALA B 67 33.56 3.16 -1.60
CA ALA B 67 34.92 2.74 -1.80
C ALA B 67 34.98 1.26 -2.18
N GLU B 68 35.85 0.89 -3.12
CA GLU B 68 36.14 -0.52 -3.36
C GLU B 68 36.78 -1.12 -2.13
N PHE B 69 36.22 -2.20 -1.61
CA PHE B 69 36.87 -2.93 -0.52
C PHE B 69 36.70 -4.46 -0.57
N THR B 70 37.62 -5.18 0.06
CA THR B 70 37.51 -6.63 0.15
C THR B 70 37.45 -7.07 1.62
N PRO B 71 36.24 -7.31 2.12
CA PRO B 71 36.10 -7.67 3.53
C PRO B 71 36.79 -9.00 3.88
N ASN B 72 37.30 -9.06 5.11
CA ASN B 72 37.73 -10.29 5.79
C ASN B 72 37.31 -10.16 7.24
N SER B 73 37.29 -11.25 8.00
CA SER B 73 36.77 -11.16 9.37
C SER B 73 37.73 -10.40 10.32
N LYS B 74 38.93 -10.11 9.85
CA LYS B 74 39.92 -9.32 10.61
C LYS B 74 39.66 -7.80 10.61
N ASP B 75 39.72 -7.20 9.43
CA ASP B 75 39.70 -5.73 9.25
C ASP B 75 38.37 -5.07 9.59
N GLN B 76 38.41 -3.84 10.10
CA GLN B 76 37.17 -3.08 10.31
C GLN B 76 37.07 -1.83 9.44
N TYR B 77 35.85 -1.47 9.06
CA TYR B 77 35.64 -0.28 8.24
C TYR B 77 34.71 0.73 8.93
N SER B 78 34.88 2.01 8.61
CA SER B 78 34.01 3.03 9.16
C SER B 78 33.91 4.22 8.22
N CYS B 79 32.99 5.12 8.56
CA CYS B 79 32.81 6.35 7.84
C CYS B 79 33.00 7.52 8.80
N ARG B 80 33.90 8.44 8.47
CA ARG B 80 34.12 9.61 9.30
C ARG B 80 33.66 10.88 8.59
N VAL B 81 32.85 11.67 9.31
CA VAL B 81 32.17 12.81 8.73
C VAL B 81 32.41 14.05 9.58
N LYS B 82 32.85 15.10 8.89
CA LYS B 82 33.05 16.41 9.47
C LYS B 82 32.06 17.41 8.88
N HIS B 83 31.36 18.12 9.76
CA HIS B 83 30.37 19.13 9.37
C HIS B 83 30.31 20.19 10.40
N VAL B 84 30.13 21.42 9.94
CA VAL B 84 29.98 22.56 10.84
C VAL B 84 29.10 22.31 12.09
N THR B 85 28.00 21.55 11.96
CA THR B 85 27.14 21.26 13.11
C THR B 85 27.74 20.28 14.10
N LEU B 86 28.89 19.67 13.78
CA LEU B 86 29.49 18.69 14.70
C LEU B 86 30.70 19.22 15.51
N GLU B 87 30.57 19.24 16.83
CA GLU B 87 31.67 19.69 17.71
C GLU B 87 32.90 18.84 17.38
N GLN B 88 32.68 17.53 17.27
CA GLN B 88 33.74 16.58 17.01
C GLN B 88 33.33 15.76 15.79
N PRO B 89 34.30 15.28 14.97
CA PRO B 89 33.94 14.44 13.81
C PRO B 89 33.16 13.20 14.22
N ARG B 90 32.21 12.77 13.40
CA ARG B 90 31.37 11.65 13.77
C ARG B 90 31.77 10.43 12.99
N ILE B 91 32.05 9.35 13.72
CA ILE B 91 32.45 8.09 13.08
C ILE B 91 31.29 7.10 13.13
N VAL B 92 30.89 6.59 11.98
CA VAL B 92 29.95 5.46 11.98
C VAL B 92 30.61 4.17 11.39
N LYS B 93 30.69 3.13 12.24
CA LYS B 93 31.30 1.85 11.88
C LYS B 93 30.42 1.04 10.96
N TRP B 94 31.02 0.33 10.02
CA TRP B 94 30.31 -0.69 9.28
C TRP B 94 30.19 -1.92 10.11
N ASP B 95 28.96 -2.32 10.37
CA ASP B 95 28.69 -3.54 11.07
C ASP B 95 28.38 -4.54 10.00
N ARG B 96 29.20 -5.58 9.89
CA ARG B 96 28.94 -6.68 8.97
C ARG B 96 27.49 -7.23 9.12
N ASP B 97 27.17 -7.74 10.31
CA ASP B 97 25.88 -8.41 10.51
C ASP B 97 24.87 -7.61 11.35
N PHE C 8 -18.00 -4.63 -10.08
CA PHE C 8 -19.50 -4.62 -10.13
C PHE C 8 -20.12 -6.00 -10.46
N SER C 9 -19.49 -7.10 -10.01
CA SER C 9 -19.90 -8.48 -10.37
C SER C 9 -21.19 -8.97 -9.74
N PHE C 10 -21.91 -9.78 -10.48
CA PHE C 10 -23.09 -10.47 -10.00
C PHE C 10 -22.71 -11.89 -9.63
N GLN C 11 -23.24 -12.37 -8.51
CA GLN C 11 -22.91 -13.68 -7.99
C GLN C 11 -24.11 -14.29 -7.29
N GLY C 12 -24.49 -15.51 -7.69
CA GLY C 12 -25.63 -16.24 -7.10
C GLY C 12 -25.11 -17.39 -6.27
N LEU C 13 -25.56 -17.49 -5.03
CA LEU C 13 -25.01 -18.47 -4.11
C LEU C 13 -26.05 -19.43 -3.57
N GLN C 14 -25.70 -20.71 -3.52
CA GLN C 14 -26.59 -21.74 -2.95
C GLN C 14 -25.89 -22.49 -1.82
N ILE C 15 -26.62 -22.75 -0.75
CA ILE C 15 -26.08 -23.53 0.33
C ILE C 15 -27.06 -24.64 0.64
N SER C 16 -26.66 -25.85 0.26
CA SER C 16 -27.44 -27.03 0.53
C SER C 16 -26.79 -27.87 1.63
N SER C 17 -27.63 -28.32 2.56
CA SER C 17 -27.18 -29.23 3.60
C SER C 17 -28.09 -30.44 3.63
N PHE C 18 -27.46 -31.59 3.79
CA PHE C 18 -28.15 -32.85 4.04
C PHE C 18 -27.56 -33.52 5.27
N ALA C 19 -28.30 -33.55 6.37
CA ALA C 19 -27.81 -34.07 7.66
C ALA C 19 -27.81 -35.58 7.64
N ASN C 20 -28.93 -36.12 7.16
CA ASN C 20 -29.22 -37.55 7.03
C ASN C 20 -30.28 -37.62 5.93
N ARG C 21 -30.89 -38.78 5.72
CA ARG C 21 -31.88 -38.94 4.65
C ARG C 21 -33.20 -38.23 4.93
N SER C 22 -33.35 -37.71 6.15
CA SER C 22 -34.62 -37.15 6.53
C SER C 22 -34.62 -35.66 6.62
N TRP C 23 -33.45 -35.05 6.78
CA TRP C 23 -33.34 -33.63 7.01
C TRP C 23 -32.43 -32.96 6.00
N THR C 24 -32.98 -31.93 5.33
CA THR C 24 -32.22 -31.13 4.38
C THR C 24 -32.71 -29.69 4.37
N ARG C 25 -31.82 -28.75 4.06
CA ARG C 25 -32.27 -27.41 3.71
C ARG C 25 -31.40 -26.83 2.61
N THR C 26 -32.02 -25.94 1.85
CA THR C 26 -31.39 -25.18 0.78
C THR C 26 -31.84 -23.72 0.82
N ASP C 27 -30.85 -22.86 0.99
CA ASP C 27 -31.05 -21.44 0.93
C ASP C 27 -30.14 -20.86 -0.15
N GLY C 28 -30.61 -19.77 -0.75
CA GLY C 28 -29.83 -19.02 -1.70
C GLY C 28 -29.84 -17.53 -1.44
N LEU C 29 -28.94 -16.85 -2.13
CA LEU C 29 -28.81 -15.40 -2.08
C LEU C 29 -27.92 -14.94 -3.23
N ALA C 30 -27.78 -13.64 -3.39
CA ALA C 30 -27.07 -13.11 -4.54
C ALA C 30 -26.48 -11.75 -4.19
N TRP C 31 -25.31 -11.46 -4.73
CA TRP C 31 -24.69 -10.16 -4.55
C TRP C 31 -24.54 -9.46 -5.86
N LEU C 32 -24.82 -8.16 -5.87
CA LEU C 32 -24.44 -7.34 -7.00
C LEU C 32 -23.46 -6.29 -6.49
N GLY C 33 -22.20 -6.38 -6.93
CA GLY C 33 -21.16 -5.69 -6.21
C GLY C 33 -21.19 -6.21 -4.78
N GLU C 34 -21.41 -5.31 -3.83
CA GLU C 34 -21.44 -5.68 -2.43
C GLU C 34 -22.81 -5.53 -1.76
N LEU C 35 -23.83 -5.31 -2.58
CA LEU C 35 -25.19 -5.25 -2.10
C LEU C 35 -25.94 -6.55 -2.40
N GLN C 36 -26.84 -6.95 -1.52
CA GLN C 36 -27.58 -8.21 -1.68
C GLN C 36 -29.00 -7.97 -2.17
N PRO C 37 -29.25 -8.12 -3.46
CA PRO C 37 -30.59 -7.86 -3.97
C PRO C 37 -31.63 -8.95 -3.70
N TYR C 38 -31.22 -10.21 -3.54
CA TYR C 38 -32.15 -11.33 -3.37
C TYR C 38 -31.81 -12.29 -2.23
N THR C 39 -32.83 -12.97 -1.66
CA THR C 39 -32.63 -14.27 -1.01
C THR C 39 -33.71 -15.23 -1.39
N TRP C 40 -33.41 -16.50 -1.22
CA TRP C 40 -34.41 -17.50 -1.33
C TRP C 40 -34.19 -18.46 -0.21
N ARG C 41 -34.95 -18.27 0.85
CA ARG C 41 -34.93 -19.16 2.01
C ARG C 41 -35.63 -20.49 1.69
N ASN C 42 -35.19 -21.54 2.37
CA ASN C 42 -35.80 -22.86 2.26
C ASN C 42 -37.32 -22.85 2.43
N GLU C 43 -37.82 -22.09 3.41
CA GLU C 43 -39.24 -22.03 3.74
C GLU C 43 -40.07 -21.50 2.58
N SER C 44 -39.53 -20.49 1.92
CA SER C 44 -40.24 -19.76 0.89
C SER C 44 -40.33 -20.55 -0.41
N ASP C 45 -41.49 -20.45 -1.06
CA ASP C 45 -41.69 -21.00 -2.40
C ASP C 45 -41.27 -20.03 -3.46
N THR C 46 -40.87 -18.84 -3.01
CA THR C 46 -40.52 -17.75 -3.91
C THR C 46 -39.31 -16.97 -3.38
N ILE C 47 -38.76 -16.07 -4.21
CA ILE C 47 -37.58 -15.32 -3.81
C ILE C 47 -37.99 -13.95 -3.30
N ARG C 48 -37.24 -13.44 -2.33
CA ARG C 48 -37.44 -12.08 -1.82
C ARG C 48 -36.64 -11.08 -2.63
N PHE C 49 -37.30 -10.00 -3.04
CA PHE C 49 -36.61 -8.86 -3.65
C PHE C 49 -36.26 -7.93 -2.53
N LEU C 50 -34.98 -7.88 -2.17
CA LEU C 50 -34.59 -7.14 -0.99
C LEU C 50 -34.41 -5.65 -1.26
N LYS C 51 -34.54 -5.23 -2.52
CA LYS C 51 -34.35 -3.83 -2.90
C LYS C 51 -35.39 -3.37 -3.91
N PRO C 52 -35.76 -2.09 -3.87
CA PRO C 52 -36.79 -1.67 -4.82
C PRO C 52 -36.32 -1.76 -6.27
N TRP C 53 -35.00 -1.79 -6.49
CA TRP C 53 -34.45 -1.99 -7.85
C TRP C 53 -34.16 -3.43 -8.20
N SER C 54 -34.46 -4.34 -7.26
CA SER C 54 -34.13 -5.76 -7.45
C SER C 54 -34.79 -6.31 -8.68
N ARG C 55 -35.93 -5.75 -9.07
CA ARG C 55 -36.65 -6.26 -10.25
C ARG C 55 -35.95 -5.99 -11.59
N GLY C 56 -35.02 -5.03 -11.60
CA GLY C 56 -34.32 -4.67 -12.84
C GLY C 56 -35.29 -4.24 -13.91
N THR C 57 -35.03 -4.64 -15.15
CA THR C 57 -35.92 -4.26 -16.26
C THR C 57 -36.70 -5.49 -16.71
N PHE C 58 -36.65 -6.53 -15.89
CA PHE C 58 -37.35 -7.78 -16.17
C PHE C 58 -38.84 -7.65 -15.97
N SER C 59 -39.60 -8.05 -16.99
CA SER C 59 -41.06 -8.05 -16.91
C SER C 59 -41.54 -9.02 -15.82
N ASP C 60 -42.80 -8.91 -15.43
CA ASP C 60 -43.41 -9.85 -14.49
C ASP C 60 -43.42 -11.28 -15.01
N GLN C 61 -43.73 -11.46 -16.30
CA GLN C 61 -43.80 -12.80 -16.91
C GLN C 61 -42.41 -13.40 -16.95
N GLN C 62 -41.41 -12.55 -17.19
CA GLN C 62 -40.03 -13.00 -17.15
C GLN C 62 -39.61 -13.49 -15.76
N TRP C 63 -39.95 -12.72 -14.74
CA TRP C 63 -39.67 -13.15 -13.39
C TRP C 63 -40.36 -14.41 -13.09
N GLU C 64 -41.65 -14.50 -13.43
CA GLU C 64 -42.47 -15.67 -13.06
C GLU C 64 -41.84 -16.94 -13.62
N GLN C 65 -41.36 -16.83 -14.85
CA GLN C 65 -40.68 -17.92 -15.54
C GLN C 65 -39.39 -18.32 -14.85
N LEU C 66 -38.54 -17.35 -14.55
CA LEU C 66 -37.28 -17.59 -13.86
C LEU C 66 -37.51 -18.22 -12.48
N GLN C 67 -38.49 -17.71 -11.75
CA GLN C 67 -38.87 -18.25 -10.44
C GLN C 67 -39.17 -19.72 -10.54
N HIS C 68 -40.08 -20.05 -11.45
CA HIS C 68 -40.57 -21.39 -11.62
C HIS C 68 -39.44 -22.33 -12.00
N THR C 69 -38.59 -21.86 -12.92
CA THR C 69 -37.40 -22.60 -13.26
C THR C 69 -36.58 -22.89 -12.03
N LEU C 70 -36.32 -21.88 -11.19
CA LEU C 70 -35.52 -22.12 -9.99
C LEU C 70 -36.22 -23.05 -9.00
N LEU C 71 -37.53 -22.92 -8.90
CA LEU C 71 -38.33 -23.78 -8.03
C LEU C 71 -38.26 -25.23 -8.46
N VAL C 72 -38.52 -25.52 -9.73
CA VAL C 72 -38.40 -26.90 -10.14
C VAL C 72 -36.99 -27.38 -9.84
N TYR C 73 -36.00 -26.55 -10.19
CA TYR C 73 -34.62 -26.91 -9.93
C TYR C 73 -34.35 -27.28 -8.45
N ARG C 74 -34.80 -26.44 -7.52
CA ARG C 74 -34.57 -26.75 -6.12
C ARG C 74 -35.12 -28.12 -5.68
N SER C 75 -36.34 -28.49 -6.08
CA SER C 75 -36.91 -29.82 -5.72
C SER C 75 -36.18 -30.97 -6.37
N SER C 76 -35.94 -30.81 -7.67
CA SER C 76 -35.25 -31.81 -8.49
C SER C 76 -33.85 -32.01 -7.99
N PHE C 77 -33.15 -30.93 -7.70
CA PHE C 77 -31.80 -31.00 -7.13
C PHE C 77 -31.77 -31.86 -5.87
N THR C 78 -32.56 -31.50 -4.86
CA THR C 78 -32.60 -32.26 -3.61
C THR C 78 -32.78 -33.75 -3.86
N ARG C 79 -33.85 -34.11 -4.57
CA ARG C 79 -34.15 -35.48 -4.95
C ARG C 79 -32.95 -36.17 -5.61
N ASP C 80 -32.33 -35.49 -6.57
CA ASP C 80 -31.16 -36.05 -7.24
C ASP C 80 -29.96 -36.33 -6.31
N ILE C 81 -29.67 -35.44 -5.38
CA ILE C 81 -28.60 -35.69 -4.42
C ILE C 81 -28.91 -36.95 -3.63
N TRP C 82 -30.12 -37.03 -3.07
CA TRP C 82 -30.50 -38.16 -2.25
C TRP C 82 -30.30 -39.43 -2.98
N GLU C 83 -30.61 -39.43 -4.28
CA GLU C 83 -30.45 -40.62 -5.09
C GLU C 83 -29.01 -40.94 -5.38
N PHE C 84 -28.18 -39.91 -5.58
CA PHE C 84 -26.73 -40.08 -5.80
C PHE C 84 -26.03 -40.61 -4.56
N VAL C 85 -26.57 -40.27 -3.39
CA VAL C 85 -26.04 -40.72 -2.12
C VAL C 85 -26.29 -42.21 -1.92
N GLU C 86 -27.54 -42.65 -2.12
CA GLU C 86 -27.93 -44.06 -2.01
C GLU C 86 -27.18 -44.93 -3.03
N LYS C 87 -27.26 -44.56 -4.31
CA LYS C 87 -26.61 -45.32 -5.37
C LYS C 87 -25.09 -45.28 -5.30
N LEU C 88 -24.51 -44.29 -4.62
CA LEU C 88 -23.05 -44.26 -4.54
C LEU C 88 -22.43 -44.46 -3.16
N HIS C 89 -23.27 -44.75 -2.16
CA HIS C 89 -22.83 -44.88 -0.75
C HIS C 89 -21.82 -43.82 -0.35
N VAL C 90 -22.24 -42.56 -0.40
CA VAL C 90 -21.47 -41.49 0.20
C VAL C 90 -22.12 -41.20 1.55
N GLU C 91 -21.32 -40.83 2.54
CA GLU C 91 -21.82 -40.75 3.90
C GLU C 91 -22.13 -39.33 4.34
N TYR C 92 -23.17 -39.20 5.16
CA TYR C 92 -23.59 -37.94 5.75
C TYR C 92 -22.63 -37.50 6.83
N PRO C 93 -22.67 -36.22 7.23
CA PRO C 93 -23.50 -35.17 6.61
C PRO C 93 -22.89 -34.70 5.29
N LEU C 94 -23.68 -33.97 4.50
CA LEU C 94 -23.22 -33.39 3.23
C LEU C 94 -23.42 -31.90 3.23
N GLU C 95 -22.41 -31.20 2.73
CA GLU C 95 -22.49 -29.78 2.46
C GLU C 95 -22.18 -29.54 0.99
N ILE C 96 -23.15 -29.00 0.27
CA ILE C 96 -22.97 -28.67 -1.13
C ILE C 96 -23.16 -27.17 -1.35
N GLN C 97 -22.22 -26.56 -2.04
CA GLN C 97 -22.27 -25.14 -2.37
C GLN C 97 -22.21 -24.92 -3.87
N ILE C 98 -22.92 -23.92 -4.36
CA ILE C 98 -22.92 -23.64 -5.79
C ILE C 98 -22.82 -22.15 -5.96
N ALA C 99 -21.99 -21.72 -6.89
CA ALA C 99 -21.80 -20.29 -7.20
C ALA C 99 -21.92 -20.07 -8.70
N THR C 100 -22.85 -19.21 -9.12
CA THR C 100 -22.91 -18.78 -10.54
C THR C 100 -22.69 -17.28 -10.56
N GLY C 101 -22.85 -16.66 -11.73
CA GLY C 101 -22.75 -15.21 -11.89
C GLY C 101 -22.06 -14.85 -13.19
N CYS C 102 -21.95 -13.56 -13.46
CA CYS C 102 -21.21 -13.09 -14.64
C CYS C 102 -20.71 -11.67 -14.46
N GLU C 103 -19.54 -11.39 -15.02
CA GLU C 103 -19.10 -10.02 -15.24
C GLU C 103 -19.29 -9.62 -16.72
N LEU C 104 -19.87 -8.44 -16.95
CA LEU C 104 -20.06 -7.90 -18.31
C LEU C 104 -18.79 -7.16 -18.74
N LEU C 105 -18.24 -7.52 -19.91
CA LEU C 105 -16.89 -7.09 -20.31
C LEU C 105 -16.78 -5.81 -21.16
N SER C 110 -19.14 -10.06 -21.73
CA SER C 110 -19.95 -10.83 -20.78
C SER C 110 -19.41 -12.25 -20.55
N GLU C 111 -19.12 -12.59 -19.28
CA GLU C 111 -18.48 -13.86 -18.88
C GLU C 111 -19.14 -14.64 -17.71
N SER C 112 -19.98 -15.63 -18.02
CA SER C 112 -20.68 -16.42 -17.00
C SER C 112 -19.91 -17.65 -16.50
N PHE C 113 -20.17 -18.04 -15.25
CA PHE C 113 -19.61 -19.26 -14.64
C PHE C 113 -20.66 -19.98 -13.78
N LEU C 114 -20.46 -21.26 -13.54
CA LEU C 114 -21.28 -22.05 -12.62
C LEU C 114 -20.40 -23.10 -11.99
N ARG C 115 -20.03 -22.89 -10.74
CA ARG C 115 -19.03 -23.70 -10.07
C ARG C 115 -19.67 -24.33 -8.85
N ALA C 116 -19.25 -25.53 -8.49
CA ALA C 116 -19.80 -26.25 -7.33
C ALA C 116 -18.74 -26.83 -6.39
N ALA C 117 -19.02 -26.80 -5.10
CA ALA C 117 -18.14 -27.35 -4.08
C ALA C 117 -18.88 -28.39 -3.25
N PHE C 118 -18.12 -29.39 -2.78
CA PHE C 118 -18.63 -30.44 -1.95
C PHE C 118 -17.66 -30.60 -0.80
N GLN C 119 -18.21 -30.71 0.41
CA GLN C 119 -17.45 -30.68 1.68
C GLN C 119 -16.38 -29.60 1.70
N GLY C 120 -16.72 -28.44 1.15
CA GLY C 120 -15.82 -27.31 1.17
C GLY C 120 -14.74 -27.27 0.10
N ARG C 121 -14.78 -28.19 -0.86
CA ARG C 121 -13.74 -28.18 -1.88
C ARG C 121 -14.34 -28.14 -3.28
N ASP C 122 -13.70 -27.40 -4.18
CA ASP C 122 -14.13 -27.40 -5.58
C ASP C 122 -14.32 -28.82 -6.06
N VAL C 123 -15.43 -29.03 -6.73
CA VAL C 123 -15.76 -30.34 -7.20
C VAL C 123 -16.16 -30.39 -8.67
N LEU C 124 -16.99 -29.49 -9.16
CA LEU C 124 -17.27 -29.50 -10.60
C LEU C 124 -17.77 -28.16 -11.07
N SER C 125 -17.89 -28.00 -12.37
CA SER C 125 -18.35 -26.75 -12.94
C SER C 125 -19.01 -27.01 -14.28
N PHE C 126 -19.53 -25.98 -14.89
CA PHE C 126 -20.12 -26.11 -16.20
C PHE C 126 -19.30 -25.27 -17.20
N GLN C 127 -18.51 -25.96 -18.04
CA GLN C 127 -17.78 -25.34 -19.17
C GLN C 127 -18.48 -25.65 -20.48
N GLY C 128 -18.67 -24.63 -21.32
CA GLY C 128 -19.26 -24.81 -22.65
C GLY C 128 -20.66 -25.38 -22.56
N MET C 129 -20.82 -26.64 -22.97
CA MET C 129 -22.11 -27.33 -22.84
C MET C 129 -21.99 -28.58 -22.01
N SER C 130 -20.88 -28.73 -21.31
CA SER C 130 -20.59 -29.95 -20.54
C SER C 130 -20.36 -29.73 -19.03
N TRP C 131 -20.63 -30.76 -18.24
CA TRP C 131 -20.24 -30.76 -16.84
C TRP C 131 -18.86 -31.29 -16.75
N VAL C 132 -17.97 -30.55 -16.11
CA VAL C 132 -16.60 -31.02 -16.03
C VAL C 132 -16.15 -31.11 -14.59
N SER C 133 -15.56 -32.24 -14.24
CA SER C 133 -15.13 -32.43 -12.87
C SER C 133 -13.89 -31.59 -12.63
N ALA C 134 -13.77 -31.10 -11.41
CA ALA C 134 -12.61 -30.32 -11.04
C ALA C 134 -11.44 -31.30 -11.04
N PRO C 135 -10.20 -30.80 -11.32
CA PRO C 135 -8.99 -31.63 -11.43
C PRO C 135 -8.75 -32.53 -10.21
N ASP C 136 -9.17 -32.02 -9.06
CA ASP C 136 -8.90 -32.58 -7.75
C ASP C 136 -9.98 -33.49 -7.14
N ALA C 137 -11.08 -33.69 -7.87
CA ALA C 137 -12.31 -34.27 -7.33
C ALA C 137 -12.21 -35.75 -6.96
N PRO C 138 -12.91 -36.15 -5.88
CA PRO C 138 -12.95 -37.58 -5.55
C PRO C 138 -13.53 -38.42 -6.69
N PRO C 139 -13.07 -39.68 -6.81
CA PRO C 139 -13.51 -40.68 -7.79
C PRO C 139 -15.00 -40.69 -8.13
N PHE C 140 -15.88 -40.84 -7.14
CA PHE C 140 -17.29 -41.01 -7.40
C PHE C 140 -17.97 -39.84 -8.15
N ILE C 141 -17.40 -38.65 -8.13
CA ILE C 141 -18.06 -37.58 -8.86
C ILE C 141 -17.95 -37.80 -10.36
N GLN C 142 -17.05 -38.70 -10.77
CA GLN C 142 -17.00 -39.12 -12.16
C GLN C 142 -18.29 -39.84 -12.56
N GLU C 143 -18.93 -40.49 -11.60
CA GLU C 143 -20.25 -41.08 -11.85
C GLU C 143 -21.27 -39.97 -11.97
N VAL C 144 -21.17 -39.00 -11.06
CA VAL C 144 -22.08 -37.86 -11.09
C VAL C 144 -22.06 -37.17 -12.44
N ILE C 145 -20.85 -36.80 -12.86
CA ILE C 145 -20.62 -36.08 -14.12
C ILE C 145 -21.23 -36.83 -15.30
N LYS C 146 -21.01 -38.14 -15.32
CA LYS C 146 -21.50 -39.01 -16.38
C LYS C 146 -23.03 -38.94 -16.51
N VAL C 147 -23.72 -39.13 -15.39
CA VAL C 147 -25.18 -39.06 -15.33
C VAL C 147 -25.69 -37.65 -15.70
N LEU C 148 -24.97 -36.63 -15.21
CA LEU C 148 -25.34 -35.26 -15.49
C LEU C 148 -25.16 -34.92 -16.96
N ASN C 149 -24.08 -35.37 -17.56
CA ASN C 149 -23.86 -35.09 -18.98
C ASN C 149 -24.75 -35.85 -19.93
N GLN C 150 -25.67 -36.63 -19.37
CA GLN C 150 -26.62 -37.35 -20.19
C GLN C 150 -27.87 -36.52 -20.32
N ASN C 151 -28.27 -35.87 -19.23
CA ASN C 151 -29.49 -35.10 -19.25
C ASN C 151 -29.29 -33.84 -20.07
N GLN C 152 -29.68 -33.92 -21.34
CA GLN C 152 -29.54 -32.83 -22.31
C GLN C 152 -30.34 -31.59 -21.95
N GLY C 153 -31.57 -31.79 -21.46
CA GLY C 153 -32.49 -30.71 -21.15
C GLY C 153 -31.93 -29.75 -20.13
N THR C 154 -31.35 -30.32 -19.07
CA THR C 154 -30.68 -29.57 -18.03
C THR C 154 -29.54 -28.76 -18.61
N LYS C 155 -28.68 -29.41 -19.38
CA LYS C 155 -27.54 -28.71 -19.99
C LYS C 155 -28.00 -27.51 -20.80
N GLU C 156 -29.12 -27.65 -21.52
CA GLU C 156 -29.65 -26.55 -22.30
C GLU C 156 -30.19 -25.45 -21.43
N THR C 157 -30.76 -25.82 -20.29
CA THR C 157 -31.37 -24.86 -19.38
C THR C 157 -30.26 -24.14 -18.67
N VAL C 158 -29.19 -24.84 -18.32
CA VAL C 158 -28.07 -24.15 -17.72
C VAL C 158 -27.42 -23.21 -18.72
N HIS C 159 -27.20 -23.67 -19.95
CA HIS C 159 -26.54 -22.82 -20.95
C HIS C 159 -27.30 -21.54 -21.12
N TRP C 160 -28.63 -21.70 -21.19
CA TRP C 160 -29.55 -20.61 -21.40
C TRP C 160 -29.54 -19.65 -20.26
N LEU C 161 -29.45 -20.15 -19.04
CA LEU C 161 -29.33 -19.29 -17.87
C LEU C 161 -28.08 -18.46 -17.86
N LEU C 162 -26.96 -19.11 -18.10
CA LEU C 162 -25.68 -18.45 -18.05
C LEU C 162 -25.51 -17.46 -19.19
N HIS C 163 -26.00 -17.81 -20.38
CA HIS C 163 -25.70 -17.00 -21.56
C HIS C 163 -26.79 -16.05 -21.95
N ASP C 164 -28.04 -16.46 -21.77
CA ASP C 164 -29.17 -15.57 -22.06
C ASP C 164 -29.65 -14.76 -20.87
N ILE C 165 -29.80 -15.39 -19.72
CA ILE C 165 -30.55 -14.77 -18.63
C ILE C 165 -29.72 -13.93 -17.69
N TRP C 166 -28.64 -14.50 -17.17
CA TRP C 166 -27.75 -13.73 -16.29
C TRP C 166 -27.34 -12.43 -16.89
N PRO C 167 -26.80 -12.45 -18.12
CA PRO C 167 -26.37 -11.18 -18.70
C PRO C 167 -27.48 -10.14 -18.89
N GLU C 168 -28.65 -10.57 -19.39
CA GLU C 168 -29.74 -9.62 -19.61
C GLU C 168 -30.16 -9.02 -18.27
N LEU C 169 -30.24 -9.86 -17.25
CA LEU C 169 -30.65 -9.48 -15.91
C LEU C 169 -29.69 -8.48 -15.28
N VAL C 170 -28.43 -8.89 -15.13
CA VAL C 170 -27.38 -8.04 -14.59
C VAL C 170 -27.40 -6.67 -15.25
N ARG C 171 -27.56 -6.62 -16.57
CA ARG C 171 -27.63 -5.34 -17.30
C ARG C 171 -28.79 -4.45 -16.79
N GLY C 172 -29.95 -5.04 -16.58
CA GLY C 172 -31.09 -4.33 -16.05
C GLY C 172 -30.93 -3.85 -14.62
N VAL C 173 -30.40 -4.69 -13.73
CA VAL C 173 -30.37 -4.27 -12.34
C VAL C 173 -29.23 -3.28 -12.09
N LEU C 174 -28.16 -3.37 -12.85
CA LEU C 174 -27.12 -2.34 -12.83
C LEU C 174 -27.69 -0.98 -13.19
N GLN C 175 -28.69 -0.97 -14.06
CA GLN C 175 -29.29 0.25 -14.58
C GLN C 175 -30.22 0.85 -13.52
N THR C 176 -31.07 0.01 -12.94
CA THR C 176 -32.02 0.46 -11.92
C THR C 176 -31.34 0.61 -10.55
N GLY C 177 -30.25 -0.10 -10.33
CA GLY C 177 -29.58 0.01 -9.05
C GLY C 177 -28.42 0.96 -9.09
N LYS C 178 -28.23 1.60 -10.24
CA LYS C 178 -27.07 2.43 -10.49
C LYS C 178 -26.78 3.37 -9.34
N SER C 179 -27.76 4.17 -8.94
CA SER C 179 -27.56 5.22 -7.94
C SER C 179 -27.25 4.68 -6.54
N GLU C 180 -28.05 3.71 -6.07
CA GLU C 180 -27.80 3.09 -4.77
C GLU C 180 -26.49 2.30 -4.72
N LEU C 181 -26.09 1.78 -5.87
CA LEU C 181 -24.86 1.03 -5.99
C LEU C 181 -23.64 1.93 -5.81
N GLU C 182 -23.70 3.11 -6.40
CA GLU C 182 -22.58 4.02 -6.34
C GLU C 182 -22.85 5.21 -5.41
N LYS C 183 -23.66 5.01 -4.38
CA LYS C 183 -23.77 5.99 -3.28
C LYS C 183 -22.42 6.08 -2.60
N GLN C 184 -22.16 7.23 -1.97
CA GLN C 184 -20.94 7.44 -1.18
C GLN C 184 -21.39 7.72 0.26
N VAL C 185 -20.79 7.05 1.24
CA VAL C 185 -21.26 7.19 2.63
C VAL C 185 -20.06 7.40 3.53
N LYS C 186 -20.03 8.53 4.22
CA LYS C 186 -18.83 8.99 4.94
C LYS C 186 -18.67 8.23 6.24
N PRO C 187 -17.44 7.76 6.53
CA PRO C 187 -17.22 7.09 7.80
C PRO C 187 -17.14 8.08 8.94
N GLU C 188 -17.45 7.61 10.15
CA GLU C 188 -17.00 8.26 11.34
C GLU C 188 -15.83 7.42 11.82
N ALA C 189 -15.08 7.95 12.78
CA ALA C 189 -13.78 7.38 13.14
C ALA C 189 -13.41 7.75 14.56
N TRP C 190 -12.64 6.90 15.23
CA TRP C 190 -12.23 7.19 16.59
C TRP C 190 -10.99 6.44 17.01
N LEU C 191 -10.33 6.91 18.07
CA LEU C 191 -9.12 6.26 18.61
C LEU C 191 -9.30 5.68 20.01
N SER C 192 -8.47 4.71 20.34
CA SER C 192 -8.51 4.12 21.65
C SER C 192 -7.18 3.45 21.98
N SER C 193 -6.95 3.26 23.28
CA SER C 193 -5.75 2.57 23.79
C SER C 193 -6.07 1.11 24.06
N GLY C 194 -5.56 0.24 23.21
CA GLY C 194 -5.74 -1.19 23.38
C GLY C 194 -4.97 -1.77 24.57
N PRO C 195 -5.03 -3.11 24.75
CA PRO C 195 -4.23 -3.78 25.78
C PRO C 195 -2.75 -3.64 25.45
N SER C 196 -1.93 -3.54 26.49
CA SER C 196 -0.48 -3.43 26.34
C SER C 196 0.10 -4.68 25.67
N PRO C 197 0.86 -4.51 24.58
CA PRO C 197 1.43 -5.68 23.89
C PRO C 197 2.70 -6.25 24.55
N GLY C 198 3.27 -5.53 25.52
CA GLY C 198 4.45 -6.01 26.22
C GLY C 198 4.94 -5.05 27.28
N PRO C 199 6.27 -4.81 27.34
CA PRO C 199 6.86 -3.89 28.31
C PRO C 199 7.16 -2.52 27.70
N GLY C 200 6.62 -1.46 28.30
CA GLY C 200 6.81 -0.09 27.79
C GLY C 200 6.31 0.10 26.36
N ARG C 201 5.72 -0.96 25.80
CA ARG C 201 5.03 -0.94 24.53
C ARG C 201 3.55 -0.59 24.71
N LEU C 202 3.05 0.30 23.85
CA LEU C 202 1.62 0.63 23.83
C LEU C 202 0.97 0.25 22.48
N LEU C 203 -0.33 -0.05 22.54
CA LEU C 203 -1.10 -0.39 21.33
C LEU C 203 -2.17 0.66 21.05
N LEU C 204 -1.95 1.40 19.96
CA LEU C 204 -2.86 2.45 19.53
C LEU C 204 -3.78 1.91 18.46
N VAL C 205 -5.08 2.03 18.71
CA VAL C 205 -6.06 1.53 17.76
C VAL C 205 -6.86 2.65 17.09
N CYS C 206 -7.04 2.52 15.78
CA CYS C 206 -7.76 3.53 15.02
C CYS C 206 -9.00 2.89 14.34
N HIS C 207 -10.20 3.18 14.83
CA HIS C 207 -11.41 2.53 14.30
C HIS C 207 -12.07 3.40 13.29
N VAL C 208 -12.40 2.83 12.13
CA VAL C 208 -13.18 3.56 11.14
C VAL C 208 -14.43 2.75 10.80
N SER C 209 -15.57 3.41 10.87
CA SER C 209 -16.84 2.69 10.75
C SER C 209 -17.90 3.52 10.04
N GLY C 210 -18.70 2.88 9.20
CA GLY C 210 -19.77 3.57 8.49
C GLY C 210 -19.51 3.88 7.02
N PHE C 211 -18.40 3.40 6.48
CA PHE C 211 -18.01 3.78 5.14
C PHE C 211 -18.54 2.81 4.09
N TYR C 212 -18.96 3.41 2.98
CA TYR C 212 -19.39 2.68 1.80
C TYR C 212 -18.97 3.53 0.59
N PRO C 213 -18.38 2.89 -0.46
CA PRO C 213 -17.99 1.50 -0.70
C PRO C 213 -16.84 1.01 0.14
N LYS C 214 -16.32 -0.17 -0.20
CA LYS C 214 -15.41 -0.91 0.65
C LYS C 214 -13.97 -0.41 0.58
N PRO C 215 -13.52 0.12 -0.59
CA PRO C 215 -12.11 0.52 -0.67
C PRO C 215 -11.80 1.72 0.24
N VAL C 216 -10.73 1.60 1.01
CA VAL C 216 -10.40 2.58 2.03
C VAL C 216 -8.91 2.50 2.35
N ARG C 217 -8.22 3.65 2.44
CA ARG C 217 -6.86 3.62 2.99
C ARG C 217 -6.79 4.24 4.38
N VAL C 218 -6.30 3.48 5.34
CA VAL C 218 -6.22 3.97 6.72
C VAL C 218 -4.80 3.79 7.28
N MET C 219 -4.18 4.89 7.69
CA MET C 219 -2.77 4.85 8.04
C MET C 219 -2.40 5.59 9.31
N TRP C 220 -1.50 5.00 10.09
CA TRP C 220 -0.77 5.75 11.10
C TRP C 220 0.29 6.65 10.48
N MET C 221 0.63 7.74 11.17
CA MET C 221 1.42 8.79 10.55
C MET C 221 2.20 9.64 11.56
N ARG C 222 3.34 10.18 11.10
CA ARG C 222 3.97 11.37 11.70
C ARG C 222 3.90 12.45 10.65
N GLY C 223 3.02 13.44 10.88
CA GLY C 223 2.68 14.48 9.91
C GLY C 223 2.34 13.89 8.55
N GLU C 224 3.33 13.87 7.67
CA GLU C 224 3.16 13.36 6.32
C GLU C 224 3.87 12.01 6.13
N GLN C 225 4.75 11.64 7.05
CA GLN C 225 5.49 10.37 6.94
C GLN C 225 4.63 9.19 7.42
N GLU C 226 4.19 8.37 6.48
CA GLU C 226 3.43 7.16 6.78
C GLU C 226 4.23 6.24 7.68
N GLU C 227 3.61 5.79 8.76
CA GLU C 227 4.26 4.93 9.72
C GLU C 227 4.06 3.48 9.29
N PRO C 228 5.16 2.74 9.07
CA PRO C 228 5.00 1.27 9.06
C PRO C 228 5.14 0.66 10.49
N GLY C 229 4.69 -0.59 10.65
CA GLY C 229 4.38 -1.15 11.99
C GLY C 229 2.87 -1.08 12.21
N THR C 230 2.24 -0.37 11.26
CA THR C 230 0.81 -0.23 11.08
C THR C 230 0.25 -1.56 10.62
N ARG C 231 -0.46 -2.24 11.52
CA ARG C 231 -1.16 -3.48 11.19
C ARG C 231 -2.61 -3.19 10.74
N GLN C 232 -2.92 -3.55 9.50
CA GLN C 232 -4.29 -3.59 9.03
C GLN C 232 -5.10 -4.68 9.73
N GLY C 233 -6.33 -4.37 10.08
CA GLY C 233 -7.29 -5.40 10.44
C GLY C 233 -8.05 -5.84 9.19
N ASP C 234 -8.96 -6.78 9.37
CA ASP C 234 -9.94 -7.16 8.33
C ASP C 234 -11.10 -6.16 8.22
N VAL C 235 -11.40 -5.73 7.01
CA VAL C 235 -12.55 -4.89 6.75
C VAL C 235 -13.81 -5.75 6.90
N MET C 236 -14.64 -5.44 7.90
CA MET C 236 -15.78 -6.30 8.26
C MET C 236 -17.09 -5.53 8.17
N PRO C 237 -18.24 -6.23 8.02
CA PRO C 237 -19.51 -5.57 7.66
C PRO C 237 -20.31 -5.04 8.84
N ASN C 238 -21.21 -4.10 8.57
CA ASN C 238 -22.16 -3.59 9.54
C ASN C 238 -23.53 -3.99 9.07
N ALA C 239 -24.51 -3.98 9.98
CA ALA C 239 -25.86 -4.41 9.59
C ALA C 239 -26.45 -3.61 8.40
N ASP C 240 -26.05 -2.35 8.28
CA ASP C 240 -26.58 -1.41 7.26
C ASP C 240 -25.80 -1.41 5.96
N SER C 241 -25.03 -2.47 5.72
CA SER C 241 -24.11 -2.60 4.56
C SER C 241 -23.09 -1.46 4.34
N THR C 242 -22.60 -0.90 5.44
CA THR C 242 -21.41 -0.08 5.44
C THR C 242 -20.33 -0.93 6.13
N TRP C 243 -19.11 -0.42 6.26
CA TRP C 243 -18.01 -1.24 6.76
C TRP C 243 -17.35 -0.69 7.95
N TYR C 244 -16.63 -1.58 8.64
CA TYR C 244 -15.83 -1.25 9.79
C TYR C 244 -14.40 -1.74 9.50
N LEU C 245 -13.41 -0.95 9.93
CA LEU C 245 -12.00 -1.33 9.88
C LEU C 245 -11.23 -0.80 11.10
N ARG C 246 -10.39 -1.66 11.64
CA ARG C 246 -9.59 -1.41 12.83
C ARG C 246 -8.12 -1.52 12.38
N VAL C 247 -7.34 -0.47 12.63
CA VAL C 247 -5.93 -0.38 12.29
C VAL C 247 -5.15 -0.08 13.56
N THR C 248 -4.08 -0.83 13.82
CA THR C 248 -3.33 -0.64 15.07
C THR C 248 -1.88 -0.22 14.86
N LEU C 249 -1.22 0.11 15.96
CA LEU C 249 0.19 0.42 15.93
C LEU C 249 0.80 -0.02 17.25
N ASP C 250 1.97 -0.66 17.14
CA ASP C 250 2.81 -1.04 18.29
C ASP C 250 3.96 -0.04 18.46
N VAL C 251 4.04 0.63 19.61
CA VAL C 251 5.06 1.68 19.78
C VAL C 251 5.53 1.89 21.24
N ALA C 257 4.84 10.45 20.87
CA ALA C 257 4.76 11.87 20.51
C ALA C 257 4.24 12.03 19.10
N GLY C 258 3.35 13.00 18.88
CA GLY C 258 2.89 13.40 17.55
C GLY C 258 2.48 12.32 16.53
N LEU C 259 1.77 11.29 17.01
CA LEU C 259 1.16 10.29 16.14
C LEU C 259 -0.27 10.66 15.76
N SER C 260 -0.57 10.46 14.48
CA SER C 260 -1.91 10.69 13.96
C SER C 260 -2.38 9.53 13.09
N CYS C 261 -3.66 9.21 13.17
CA CYS C 261 -4.29 8.27 12.25
C CYS C 261 -4.98 9.10 11.16
N GLN C 262 -4.89 8.63 9.91
CA GLN C 262 -5.39 9.41 8.81
C GLN C 262 -6.22 8.51 7.94
N VAL C 263 -7.38 8.99 7.54
CA VAL C 263 -8.31 8.15 6.81
C VAL C 263 -8.60 8.69 5.41
N LYS C 264 -8.29 7.90 4.38
CA LYS C 264 -8.63 8.29 3.02
C LYS C 264 -9.84 7.48 2.61
N HIS C 265 -10.89 8.17 2.15
CA HIS C 265 -12.02 7.46 1.56
C HIS C 265 -12.62 8.19 0.39
N SER C 266 -12.94 7.44 -0.66
CA SER C 266 -13.65 7.98 -1.82
C SER C 266 -14.76 9.01 -1.53
N SER C 267 -15.45 8.88 -0.40
CA SER C 267 -16.62 9.71 -0.09
C SER C 267 -16.21 11.04 0.53
N LEU C 268 -14.90 11.21 0.73
CA LEU C 268 -14.32 12.39 1.38
C LEU C 268 -13.66 13.34 0.37
N GLY C 269 -13.46 12.86 -0.86
CA GLY C 269 -12.71 13.60 -1.87
C GLY C 269 -11.26 13.66 -1.46
N ASP C 270 -10.70 14.86 -1.47
CA ASP C 270 -9.29 15.08 -1.06
C ASP C 270 -9.18 15.44 0.42
N GLN C 271 -10.32 15.51 1.09
CA GLN C 271 -10.39 15.96 2.48
C GLN C 271 -10.42 14.80 3.47
N ASP C 272 -9.24 14.30 3.81
CA ASP C 272 -9.07 13.18 4.71
C ASP C 272 -9.52 13.50 6.13
N ILE C 273 -9.69 12.47 6.94
CA ILE C 273 -9.97 12.62 8.37
C ILE C 273 -8.68 12.36 9.11
N ILE C 274 -8.30 13.28 10.00
CA ILE C 274 -7.10 13.16 10.82
C ILE C 274 -7.50 13.13 12.28
N LEU C 275 -7.06 12.11 13.01
CA LEU C 275 -7.26 12.07 14.44
C LEU C 275 -5.92 11.96 15.16
N TYR C 276 -5.70 12.75 16.21
CA TYR C 276 -4.39 12.84 16.88
C TYR C 276 -4.39 12.17 18.25
N TRP C 277 -3.32 11.45 18.59
CA TRP C 277 -3.26 10.71 19.86
C TRP C 277 -2.17 11.24 20.76
N HIS C 278 -2.46 11.39 22.05
CA HIS C 278 -1.47 11.95 23.01
C HIS C 278 -1.23 11.14 24.29
N HIS C 279 0.05 10.78 24.54
CA HIS C 279 0.61 10.19 25.80
C HIS C 279 0.65 8.67 25.70
N ILE D 1 -12.31 -28.56 4.41
CA ILE D 1 -13.41 -29.49 4.80
C ILE D 1 -13.94 -29.12 6.15
N GLN D 2 -13.06 -29.11 7.13
CA GLN D 2 -13.42 -28.52 8.41
C GLN D 2 -12.51 -27.36 8.74
N ARG D 3 -13.11 -26.16 8.83
CA ARG D 3 -12.36 -24.97 9.18
C ARG D 3 -13.03 -24.36 10.39
N PRO D 4 -12.22 -24.06 11.44
CA PRO D 4 -12.75 -23.39 12.63
C PRO D 4 -13.11 -21.95 12.31
N PRO D 5 -14.01 -21.36 13.09
CA PRO D 5 -14.39 -20.00 12.76
C PRO D 5 -13.39 -18.99 13.32
N LYS D 6 -13.24 -17.85 12.64
CA LYS D 6 -12.60 -16.66 13.22
C LYS D 6 -13.67 -15.66 13.73
N ILE D 7 -13.45 -15.07 14.91
CA ILE D 7 -14.47 -14.24 15.60
C ILE D 7 -13.96 -12.84 15.92
N GLN D 8 -14.73 -11.83 15.51
CA GLN D 8 -14.37 -10.44 15.76
C GLN D 8 -15.56 -9.64 16.32
N VAL D 9 -15.30 -8.87 17.38
CA VAL D 9 -16.39 -8.13 17.98
C VAL D 9 -16.11 -6.61 17.88
N TYR D 10 -17.13 -5.84 17.51
CA TYR D 10 -16.94 -4.40 17.34
C TYR D 10 -18.28 -3.66 17.38
N SER D 11 -18.23 -2.38 17.77
CA SER D 11 -19.41 -1.51 17.76
C SER D 11 -19.55 -0.80 16.42
N ARG D 12 -20.78 -0.42 16.09
CA ARG D 12 -21.09 0.32 14.90
C ARG D 12 -20.59 1.77 14.97
N HIS D 13 -20.76 2.38 16.14
CA HIS D 13 -20.54 3.80 16.38
C HIS D 13 -19.59 3.93 17.54
N PRO D 14 -18.81 5.03 17.60
CA PRO D 14 -17.92 5.24 18.74
C PRO D 14 -18.65 4.98 20.03
N PRO D 15 -18.14 4.10 20.90
CA PRO D 15 -18.90 3.82 22.12
C PRO D 15 -18.83 5.01 23.08
N GLU D 16 -19.95 5.67 23.29
CA GLU D 16 -20.04 6.67 24.34
C GLU D 16 -21.04 6.17 25.38
N ASP D 17 -20.59 6.04 26.63
CA ASP D 17 -21.48 5.70 27.76
C ASP D 17 -22.84 6.41 27.59
N GLY D 18 -23.92 5.67 27.63
CA GLY D 18 -25.24 6.28 27.54
C GLY D 18 -25.87 6.36 26.17
N LYS D 19 -25.09 6.52 25.10
CA LYS D 19 -25.67 6.61 23.74
C LYS D 19 -25.98 5.22 23.18
N PRO D 20 -27.25 5.01 22.73
CA PRO D 20 -27.63 3.79 22.01
C PRO D 20 -26.64 3.48 20.87
N ASN D 21 -26.27 2.21 20.76
CA ASN D 21 -25.31 1.75 19.77
C ASN D 21 -25.70 0.34 19.30
N TYR D 22 -24.83 -0.30 18.52
CA TYR D 22 -25.03 -1.66 18.05
C TYR D 22 -23.73 -2.41 18.17
N LEU D 23 -23.82 -3.65 18.64
CA LEU D 23 -22.68 -4.49 18.86
C LEU D 23 -22.65 -5.48 17.74
N ASN D 24 -21.54 -5.55 17.04
CA ASN D 24 -21.39 -6.53 15.97
C ASN D 24 -20.51 -7.66 16.39
N CYS D 25 -20.95 -8.87 16.02
CA CYS D 25 -20.19 -10.10 16.09
C CYS D 25 -20.06 -10.75 14.71
N TYR D 26 -18.88 -10.66 14.13
CA TYR D 26 -18.65 -11.17 12.76
C TYR D 26 -17.85 -12.45 12.87
N VAL D 27 -18.48 -13.53 12.43
CA VAL D 27 -17.92 -14.88 12.52
C VAL D 27 -17.68 -15.36 11.09
N TYR D 28 -16.44 -15.70 10.76
CA TYR D 28 -16.11 -15.93 9.36
C TYR D 28 -15.06 -17.00 9.12
N GLY D 29 -14.93 -17.43 7.86
CA GLY D 29 -13.91 -18.41 7.52
C GLY D 29 -14.17 -19.84 7.99
N PHE D 30 -15.42 -20.17 8.34
CA PHE D 30 -15.70 -21.53 8.86
C PHE D 30 -16.41 -22.51 7.91
N HIS D 31 -16.29 -23.79 8.25
CA HIS D 31 -16.93 -24.88 7.54
C HIS D 31 -17.00 -26.08 8.43
N PRO D 32 -18.17 -26.76 8.52
CA PRO D 32 -19.46 -26.58 7.86
C PRO D 32 -20.23 -25.39 8.38
N PRO D 33 -21.43 -25.15 7.80
CA PRO D 33 -22.17 -23.91 8.02
C PRO D 33 -23.02 -23.88 9.29
N GLN D 34 -23.17 -24.98 10.00
CA GLN D 34 -24.01 -24.93 11.19
C GLN D 34 -23.19 -24.37 12.36
N ILE D 35 -23.77 -23.42 13.09
CA ILE D 35 -23.02 -22.62 14.05
C ILE D 35 -23.99 -21.85 14.96
N GLU D 36 -23.62 -21.74 16.24
CA GLU D 36 -24.45 -20.99 17.18
C GLU D 36 -23.67 -19.77 17.59
N ILE D 37 -24.30 -18.61 17.43
CA ILE D 37 -23.71 -17.35 17.82
C ILE D 37 -24.65 -16.59 18.72
N ASP D 38 -24.19 -16.29 19.93
CA ASP D 38 -24.98 -15.55 20.89
C ASP D 38 -24.24 -14.31 21.37
N LEU D 39 -24.97 -13.21 21.43
CA LEU D 39 -24.43 -11.97 21.96
C LEU D 39 -24.82 -11.85 23.42
N LEU D 40 -23.86 -11.47 24.26
CA LEU D 40 -24.06 -11.52 25.70
C LEU D 40 -23.93 -10.17 26.40
N LYS D 41 -24.73 -9.96 27.43
CA LYS D 41 -24.53 -8.87 28.38
C LYS D 41 -24.36 -9.45 29.78
N ASN D 42 -23.21 -9.21 30.41
CA ASN D 42 -22.91 -9.78 31.72
C ASN D 42 -23.31 -11.24 31.85
N GLY D 43 -23.08 -12.04 30.82
CA GLY D 43 -23.31 -13.48 30.92
C GLY D 43 -24.61 -13.94 30.30
N GLU D 44 -25.63 -13.06 30.30
CA GLU D 44 -26.91 -13.38 29.71
C GLU D 44 -27.03 -13.04 28.24
N LYS D 45 -27.78 -13.86 27.52
CA LYS D 45 -28.12 -13.62 26.11
C LYS D 45 -28.89 -12.33 25.89
N ILE D 46 -28.69 -11.69 24.75
CA ILE D 46 -29.51 -10.53 24.42
C ILE D 46 -30.07 -10.62 23.01
N LYS D 47 -31.13 -9.87 22.76
CA LYS D 47 -31.79 -9.94 21.48
C LYS D 47 -30.81 -9.53 20.39
N SER D 48 -30.38 -10.52 19.63
CA SER D 48 -29.52 -10.28 18.49
C SER D 48 -30.30 -10.52 17.20
N GLU D 49 -29.81 -9.96 16.10
CA GLU D 49 -30.34 -10.27 14.80
C GLU D 49 -29.19 -10.86 14.03
N GLN D 50 -29.48 -11.55 12.95
CA GLN D 50 -28.45 -12.27 12.22
C GLN D 50 -28.70 -12.22 10.71
N SER D 51 -27.67 -11.89 9.94
CA SER D 51 -27.77 -11.82 8.48
C SER D 51 -27.84 -13.22 7.91
N ASP D 52 -28.17 -13.31 6.63
CA ASP D 52 -28.22 -14.60 5.96
C ASP D 52 -26.82 -15.13 5.88
N LEU D 53 -26.66 -16.44 5.90
CA LEU D 53 -25.36 -17.05 5.77
C LEU D 53 -24.85 -16.80 4.36
N SER D 54 -23.61 -16.36 4.22
CA SER D 54 -23.00 -16.20 2.91
C SER D 54 -21.65 -16.92 2.87
N PHE D 55 -20.99 -17.00 1.71
CA PHE D 55 -19.64 -17.61 1.68
C PHE D 55 -18.61 -16.97 0.75
N SER D 56 -17.32 -17.19 1.04
CA SER D 56 -16.21 -16.58 0.28
C SER D 56 -15.71 -17.42 -0.89
N LYS D 57 -14.63 -16.95 -1.55
CA LYS D 57 -14.08 -17.62 -2.76
C LYS D 57 -13.57 -19.02 -2.46
N ASP D 58 -12.90 -19.17 -1.33
CA ASP D 58 -12.39 -20.46 -0.91
C ASP D 58 -13.49 -21.33 -0.29
N TRP D 59 -14.74 -20.89 -0.42
CA TRP D 59 -15.92 -21.65 0.04
C TRP D 59 -16.18 -21.63 1.53
N SER D 60 -15.36 -20.93 2.31
CA SER D 60 -15.67 -20.80 3.75
C SER D 60 -16.86 -19.87 3.97
N PHE D 61 -17.47 -20.00 5.15
CA PHE D 61 -18.70 -19.26 5.47
C PHE D 61 -18.44 -18.04 6.31
N TYR D 62 -19.33 -17.07 6.20
CA TYR D 62 -19.26 -15.87 7.02
C TYR D 62 -20.67 -15.35 7.28
N LEU D 63 -20.82 -14.64 8.40
CA LEU D 63 -22.11 -14.37 9.00
C LEU D 63 -21.97 -13.25 10.02
N LEU D 64 -22.90 -12.31 10.01
CA LEU D 64 -22.91 -11.23 10.97
C LEU D 64 -24.12 -11.27 11.93
N SER D 65 -23.85 -11.20 13.24
CA SER D 65 -24.88 -10.96 14.23
C SER D 65 -24.64 -9.60 14.78
N HIS D 66 -25.70 -8.90 15.14
CA HIS D 66 -25.57 -7.63 15.83
C HIS D 66 -26.70 -7.48 16.78
N ALA D 67 -26.50 -6.69 17.82
CA ALA D 67 -27.50 -6.44 18.82
C ALA D 67 -27.57 -4.94 19.17
N GLU D 68 -28.77 -4.39 19.32
CA GLU D 68 -28.90 -3.08 19.98
C GLU D 68 -28.34 -3.14 21.39
N PHE D 69 -27.40 -2.26 21.74
CA PHE D 69 -26.96 -2.12 23.13
C PHE D 69 -26.63 -0.67 23.52
N THR D 70 -26.67 -0.37 24.82
CA THR D 70 -26.28 0.94 25.34
C THR D 70 -25.12 0.81 26.34
N PRO D 71 -23.90 1.04 25.88
CA PRO D 71 -22.72 0.85 26.76
C PRO D 71 -22.66 1.81 27.93
N ASN D 72 -22.19 1.32 29.06
CA ASN D 72 -21.81 2.12 30.21
C ASN D 72 -20.50 1.55 30.72
N SER D 73 -19.77 2.26 31.54
CA SER D 73 -18.47 1.75 31.99
C SER D 73 -18.58 0.55 32.96
N LYS D 74 -19.79 0.25 33.41
CA LYS D 74 -20.09 -0.91 34.26
C LYS D 74 -20.15 -2.26 33.51
N ASP D 75 -21.17 -2.41 32.67
CA ASP D 75 -21.50 -3.69 31.99
C ASP D 75 -20.45 -4.20 30.98
N GLN D 76 -20.30 -5.53 30.90
CA GLN D 76 -19.47 -6.11 29.84
C GLN D 76 -20.27 -6.89 28.78
N TYR D 77 -19.77 -6.91 27.56
CA TYR D 77 -20.42 -7.62 26.48
C TYR D 77 -19.48 -8.65 25.85
N SER D 78 -20.02 -9.72 25.30
CA SER D 78 -19.20 -10.70 24.62
C SER D 78 -20.01 -11.44 23.55
N CYS D 79 -19.29 -12.30 22.82
CA CYS D 79 -19.87 -13.10 21.78
C CYS D 79 -19.48 -14.56 22.06
N ARG D 80 -20.48 -15.45 22.06
CA ARG D 80 -20.26 -16.84 22.33
C ARG D 80 -20.63 -17.62 21.10
N VAL D 81 -19.68 -18.44 20.65
CA VAL D 81 -19.79 -19.19 19.40
C VAL D 81 -19.58 -20.70 19.62
N LYS D 82 -20.58 -21.47 19.18
CA LYS D 82 -20.53 -22.91 19.19
C LYS D 82 -20.41 -23.42 17.76
N HIS D 83 -19.40 -24.25 17.53
CA HIS D 83 -19.19 -24.87 16.23
C HIS D 83 -18.59 -26.22 16.39
N VAL D 84 -18.97 -27.15 15.50
CA VAL D 84 -18.46 -28.53 15.51
C VAL D 84 -16.95 -28.62 15.71
N THR D 85 -16.17 -27.68 15.15
CA THR D 85 -14.71 -27.70 15.34
C THR D 85 -14.26 -27.22 16.70
N LEU D 86 -15.19 -26.86 17.58
CA LEU D 86 -14.78 -26.36 18.91
C LEU D 86 -15.11 -27.32 20.06
N GLU D 87 -14.07 -27.82 20.74
CA GLU D 87 -14.27 -28.71 21.89
C GLU D 87 -15.19 -28.04 22.88
N GLN D 88 -14.90 -26.79 23.21
CA GLN D 88 -15.69 -25.98 24.12
C GLN D 88 -16.17 -24.71 23.37
N PRO D 89 -17.32 -24.09 23.76
CA PRO D 89 -17.75 -22.87 23.08
C PRO D 89 -16.71 -21.77 23.23
N ARG D 90 -16.54 -20.94 22.22
CA ARG D 90 -15.56 -19.87 22.29
C ARG D 90 -16.22 -18.52 22.60
N ILE D 91 -15.73 -17.85 23.64
CA ILE D 91 -16.23 -16.54 23.98
C ILE D 91 -15.22 -15.47 23.53
N VAL D 92 -15.68 -14.48 22.78
CA VAL D 92 -14.85 -13.30 22.51
C VAL D 92 -15.46 -12.01 23.10
N LYS D 93 -14.70 -11.38 24.01
CA LYS D 93 -15.16 -10.21 24.76
C LYS D 93 -15.09 -8.96 23.90
N TRP D 94 -16.03 -8.05 24.08
CA TRP D 94 -15.92 -6.75 23.48
C TRP D 94 -15.07 -5.91 24.35
N ASP D 95 -13.91 -5.55 23.84
CA ASP D 95 -13.02 -4.61 24.50
C ASP D 95 -13.41 -3.23 23.97
N ARG D 96 -13.87 -2.35 24.87
CA ARG D 96 -14.15 -0.96 24.50
C ARG D 96 -12.92 -0.41 23.77
N ASP D 97 -11.76 -0.77 24.34
CA ASP D 97 -10.42 -0.47 23.82
C ASP D 97 -9.93 0.87 24.38
#